data_6MIW
# 
_entry.id   6MIW 
# 
_audit_conform.dict_name       mmcif_pdbx.dic 
_audit_conform.dict_version    5.379 
_audit_conform.dict_location   http://mmcif.pdb.org/dictionaries/ascii/mmcif_pdbx.dic 
# 
loop_
_database_2.database_id 
_database_2.database_code 
_database_2.pdbx_database_accession 
_database_2.pdbx_DOI 
PDB   6MIW         pdb_00006miw 10.2210/pdb6miw/pdb 
WWPDB D_1000235554 ?            ?                   
# 
_pdbx_database_status.status_code                     REL 
_pdbx_database_status.status_code_sf                  REL 
_pdbx_database_status.status_code_mr                  ? 
_pdbx_database_status.entry_id                        6MIW 
_pdbx_database_status.recvd_initial_deposition_date   2018-09-20 
_pdbx_database_status.SG_entry                        Y 
_pdbx_database_status.deposit_site                    RCSB 
_pdbx_database_status.process_site                    RCSB 
_pdbx_database_status.status_code_cs                  ? 
_pdbx_database_status.methods_development_category    ? 
_pdbx_database_status.pdb_format_compatible           Y 
_pdbx_database_status.status_code_nmr_data            ? 
# 
loop_
_audit_author.name 
_audit_author.pdbx_ordinal 
_audit_author.identifier_ORCID 
'Halabelian, L.'                       1 ? 
'Loppnau, P.'                          2 ? 
'Tempel, W.'                           3 ? 
'Wong, F.'                             4 ? 
'Bountra, C.'                          5 ? 
'Arrowsmith, C.H.'                     6 ? 
'Edwards, A.M.'                        7 ? 
'Tong, Y.'                             8 ? 
'Structural Genomics Consortium (SGC)' 9 ? 
# 
_citation.abstract                  ? 
_citation.abstract_id_CAS           ? 
_citation.book_id_ISBN              ? 
_citation.book_publisher            ? 
_citation.book_publisher_city       ? 
_citation.book_title                ? 
_citation.coordinate_linkage        ? 
_citation.country                   ? 
_citation.database_id_Medline       ? 
_citation.details                   ? 
_citation.id                        primary 
_citation.journal_abbrev            'To Be Published' 
_citation.journal_id_ASTM           ? 
_citation.journal_id_CSD            0353 
_citation.journal_id_ISSN           ? 
_citation.journal_full              ? 
_citation.journal_issue             ? 
_citation.journal_volume            ? 
_citation.language                  ? 
_citation.page_first                ? 
_citation.page_last                 ? 
_citation.title                     'WWE domain of human HUWE1' 
_citation.year                      ? 
_citation.database_id_CSD           ? 
_citation.pdbx_database_id_DOI      ? 
_citation.pdbx_database_id_PubMed   ? 
_citation.unpublished_flag          ? 
# 
loop_
_citation_author.citation_id 
_citation_author.name 
_citation_author.ordinal 
_citation_author.identifier_ORCID 
primary 'Halabelian, L.'   1 ? 
primary 'Loppnau, P.'      2 ? 
primary 'Tempel, W.'       3 ? 
primary 'Wong, F.'         4 ? 
primary 'Bountra, C.'      5 ? 
primary 'Arrowsmith, C.H.' 6 ? 
primary 'Edwards, A.M.'    7 ? 
primary 'Tong, Y.'         8 ? 
# 
_cell.angle_alpha                  90.000 
_cell.angle_alpha_esd              ? 
_cell.angle_beta                   90.000 
_cell.angle_beta_esd               ? 
_cell.angle_gamma                  120.000 
_cell.angle_gamma_esd              ? 
_cell.entry_id                     6MIW 
_cell.details                      ? 
_cell.formula_units_Z              ? 
_cell.length_a                     60.134 
_cell.length_a_esd                 ? 
_cell.length_b                     60.134 
_cell.length_b_esd                 ? 
_cell.length_c                     53.288 
_cell.length_c_esd                 ? 
_cell.volume                       ? 
_cell.volume_esd                   ? 
_cell.Z_PDB                        6 
_cell.reciprocal_angle_alpha       ? 
_cell.reciprocal_angle_beta        ? 
_cell.reciprocal_angle_gamma       ? 
_cell.reciprocal_angle_alpha_esd   ? 
_cell.reciprocal_angle_beta_esd    ? 
_cell.reciprocal_angle_gamma_esd   ? 
_cell.reciprocal_length_a          ? 
_cell.reciprocal_length_b          ? 
_cell.reciprocal_length_c          ? 
_cell.reciprocal_length_a_esd      ? 
_cell.reciprocal_length_b_esd      ? 
_cell.reciprocal_length_c_esd      ? 
_cell.pdbx_unique_axis             ? 
# 
_symmetry.entry_id                         6MIW 
_symmetry.cell_setting                     ? 
_symmetry.Int_Tables_number                154 
_symmetry.space_group_name_Hall            ? 
_symmetry.space_group_name_H-M             'P 32 2 1' 
_symmetry.pdbx_full_space_group_name_H-M   ? 
# 
loop_
_entity.id 
_entity.type 
_entity.src_method 
_entity.pdbx_description 
_entity.formula_weight 
_entity.pdbx_number_of_molecules 
_entity.pdbx_ec 
_entity.pdbx_mutation 
_entity.pdbx_fragment 
_entity.details 
1 polymer     man 'E3 ubiquitin-protein ligase HUWE1'    10519.563 1  2.3.2.26 ? ? ? 
2 non-polymer syn 'UNKNOWN ATOM OR ION'                  ?         10 ?        ? ? ? 
3 non-polymer syn '2-(N-MORPHOLINO)-ETHANESULFONIC ACID' 195.237   1  ?        ? ? ? 
4 water       nat water                                  18.015    19 ?        ? ? ? 
# 
_entity_name_com.entity_id   1 
_entity_name_com.name        
;ARF-binding protein 1,ARF-BP1,HECT,UBA and WWE domain-containing protein 1,HECT-type E3 ubiquitin transferase HUWE1,Homologous to E6AP carboxyl terminus homologous protein 9,HectH9,Large structure of UREB1,LASU1,Mcl-1 ubiquitin ligase E3,Mule,Upstream regulatory element-binding protein 1,URE-binding protein 1
;
# 
_entity_poly.entity_id                      1 
_entity_poly.type                           'polypeptide(L)' 
_entity_poly.nstd_linkage                   no 
_entity_poly.nstd_monomer                   no 
_entity_poly.pdbx_seq_one_letter_code       
;GQSNSNNWRWFDDRSGRWCSYSASNNSTIDSAWKSGETSVRFTAGRRRYTVQFTTMVQVNEETGNRRPVMLTLLRVPRLN
KNSKNSNGQEL
;
_entity_poly.pdbx_seq_one_letter_code_can   
;GQSNSNNWRWFDDRSGRWCSYSASNNSTIDSAWKSGETSVRFTAGRRRYTVQFTTMVQVNEETGNRRPVMLTLLRVPRLN
KNSKNSNGQEL
;
_entity_poly.pdbx_strand_id                 A 
_entity_poly.pdbx_target_identifier         ? 
# 
loop_
_entity_poly_seq.entity_id 
_entity_poly_seq.num 
_entity_poly_seq.mon_id 
_entity_poly_seq.hetero 
1 1  GLY n 
1 2  GLN n 
1 3  SER n 
1 4  ASN n 
1 5  SER n 
1 6  ASN n 
1 7  ASN n 
1 8  TRP n 
1 9  ARG n 
1 10 TRP n 
1 11 PHE n 
1 12 ASP n 
1 13 ASP n 
1 14 ARG n 
1 15 SER n 
1 16 GLY n 
1 17 ARG n 
1 18 TRP n 
1 19 CYS n 
1 20 SER n 
1 21 TYR n 
1 22 SER n 
1 23 ALA n 
1 24 SER n 
1 25 ASN n 
1 26 ASN n 
1 27 SER n 
1 28 THR n 
1 29 ILE n 
1 30 ASP n 
1 31 SER n 
1 32 ALA n 
1 33 TRP n 
1 34 LYS n 
1 35 SER n 
1 36 GLY n 
1 37 GLU n 
1 38 THR n 
1 39 SER n 
1 40 VAL n 
1 41 ARG n 
1 42 PHE n 
1 43 THR n 
1 44 ALA n 
1 45 GLY n 
1 46 ARG n 
1 47 ARG n 
1 48 ARG n 
1 49 TYR n 
1 50 THR n 
1 51 VAL n 
1 52 GLN n 
1 53 PHE n 
1 54 THR n 
1 55 THR n 
1 56 MET n 
1 57 VAL n 
1 58 GLN n 
1 59 VAL n 
1 60 ASN n 
1 61 GLU n 
1 62 GLU n 
1 63 THR n 
1 64 GLY n 
1 65 ASN n 
1 66 ARG n 
1 67 ARG n 
1 68 PRO n 
1 69 VAL n 
1 70 MET n 
1 71 LEU n 
1 72 THR n 
1 73 LEU n 
1 74 LEU n 
1 75 ARG n 
1 76 VAL n 
1 77 PRO n 
1 78 ARG n 
1 79 LEU n 
1 80 ASN n 
1 81 LYS n 
1 82 ASN n 
1 83 SER n 
1 84 LYS n 
1 85 ASN n 
1 86 SER n 
1 87 ASN n 
1 88 GLY n 
1 89 GLN n 
1 90 GLU n 
1 91 LEU n 
# 
_entity_src_gen.entity_id                          1 
_entity_src_gen.pdbx_src_id                        1 
_entity_src_gen.pdbx_alt_source_flag               sample 
_entity_src_gen.pdbx_seq_type                      'Biological sequence' 
_entity_src_gen.pdbx_beg_seq_num                   1 
_entity_src_gen.pdbx_end_seq_num                   91 
_entity_src_gen.gene_src_common_name               Human 
_entity_src_gen.gene_src_genus                     ? 
_entity_src_gen.pdbx_gene_src_gene                 'HUWE1, KIAA0312, KIAA1578, UREB1, HSPC272' 
_entity_src_gen.gene_src_species                   ? 
_entity_src_gen.gene_src_strain                    ? 
_entity_src_gen.gene_src_tissue                    ? 
_entity_src_gen.gene_src_tissue_fraction           ? 
_entity_src_gen.gene_src_details                   ? 
_entity_src_gen.pdbx_gene_src_fragment             ? 
_entity_src_gen.pdbx_gene_src_scientific_name      'Homo sapiens' 
_entity_src_gen.pdbx_gene_src_ncbi_taxonomy_id     9606 
_entity_src_gen.pdbx_gene_src_variant              ? 
_entity_src_gen.pdbx_gene_src_cell_line            ? 
_entity_src_gen.pdbx_gene_src_atcc                 ? 
_entity_src_gen.pdbx_gene_src_organ                ? 
_entity_src_gen.pdbx_gene_src_organelle            ? 
_entity_src_gen.pdbx_gene_src_cell                 ? 
_entity_src_gen.pdbx_gene_src_cellular_location    ? 
_entity_src_gen.host_org_common_name               ? 
_entity_src_gen.pdbx_host_org_scientific_name      'Escherichia coli' 
_entity_src_gen.pdbx_host_org_ncbi_taxonomy_id     562 
_entity_src_gen.host_org_genus                     ? 
_entity_src_gen.pdbx_host_org_gene                 ? 
_entity_src_gen.pdbx_host_org_organ                ? 
_entity_src_gen.host_org_species                   ? 
_entity_src_gen.pdbx_host_org_tissue               ? 
_entity_src_gen.pdbx_host_org_tissue_fraction      ? 
_entity_src_gen.pdbx_host_org_strain               ? 
_entity_src_gen.pdbx_host_org_variant              ? 
_entity_src_gen.pdbx_host_org_cell_line            ? 
_entity_src_gen.pdbx_host_org_atcc                 ? 
_entity_src_gen.pdbx_host_org_culture_collection   ? 
_entity_src_gen.pdbx_host_org_cell                 ? 
_entity_src_gen.pdbx_host_org_organelle            ? 
_entity_src_gen.pdbx_host_org_cellular_location    ? 
_entity_src_gen.pdbx_host_org_vector_type          ? 
_entity_src_gen.pdbx_host_org_vector               ? 
_entity_src_gen.host_org_details                   ? 
_entity_src_gen.expression_system_id               ? 
_entity_src_gen.plasmid_name                       ? 
_entity_src_gen.plasmid_details                    ? 
_entity_src_gen.pdbx_description                   ? 
# 
_struct_ref.id                         1 
_struct_ref.db_name                    UNP 
_struct_ref.db_code                    HUWE1_HUMAN 
_struct_ref.pdbx_db_accession          Q7Z6Z7 
_struct_ref.pdbx_db_isoform            Q7Z6Z7-2 
_struct_ref.entity_id                  1 
_struct_ref.pdbx_seq_one_letter_code   
;QSNSNNWRWFDDRSGRWCSYSASNNSTIDSAWKSGETSVRFTAGRRRYTVQFTTMVQVNEETGNRRPVMLTLLRVPRLNK
NSKNSNGQEL
;
_struct_ref.pdbx_align_begin           1611 
# 
_struct_ref_seq.align_id                      1 
_struct_ref_seq.ref_id                        1 
_struct_ref_seq.pdbx_PDB_id_code              6MIW 
_struct_ref_seq.pdbx_strand_id                A 
_struct_ref_seq.seq_align_beg                 2 
_struct_ref_seq.pdbx_seq_align_beg_ins_code   ? 
_struct_ref_seq.seq_align_end                 91 
_struct_ref_seq.pdbx_seq_align_end_ins_code   ? 
_struct_ref_seq.pdbx_db_accession             Q7Z6Z7 
_struct_ref_seq.db_align_beg                  1611 
_struct_ref_seq.pdbx_db_align_beg_ins_code    ? 
_struct_ref_seq.db_align_end                  1700 
_struct_ref_seq.pdbx_db_align_end_ins_code    ? 
_struct_ref_seq.pdbx_auth_seq_align_beg       1611 
_struct_ref_seq.pdbx_auth_seq_align_end       1700 
# 
_struct_ref_seq_dif.align_id                     1 
_struct_ref_seq_dif.pdbx_pdb_id_code             6MIW 
_struct_ref_seq_dif.mon_id                       GLY 
_struct_ref_seq_dif.pdbx_pdb_strand_id           A 
_struct_ref_seq_dif.seq_num                      1 
_struct_ref_seq_dif.pdbx_pdb_ins_code            ? 
_struct_ref_seq_dif.pdbx_seq_db_name             UNP 
_struct_ref_seq_dif.pdbx_seq_db_accession_code   Q7Z6Z7 
_struct_ref_seq_dif.db_mon_id                    ? 
_struct_ref_seq_dif.pdbx_seq_db_seq_num          ? 
_struct_ref_seq_dif.details                      'expression tag' 
_struct_ref_seq_dif.pdbx_auth_seq_num            1610 
_struct_ref_seq_dif.pdbx_ordinal                 1 
# 
loop_
_chem_comp.id 
_chem_comp.type 
_chem_comp.mon_nstd_flag 
_chem_comp.name 
_chem_comp.pdbx_synonyms 
_chem_comp.formula 
_chem_comp.formula_weight 
ALA 'L-peptide linking' y ALANINE                                ? 'C3 H7 N O2'     89.093  
ARG 'L-peptide linking' y ARGININE                               ? 'C6 H15 N4 O2 1' 175.209 
ASN 'L-peptide linking' y ASPARAGINE                             ? 'C4 H8 N2 O3'    132.118 
ASP 'L-peptide linking' y 'ASPARTIC ACID'                        ? 'C4 H7 N O4'     133.103 
CYS 'L-peptide linking' y CYSTEINE                               ? 'C3 H7 N O2 S'   121.158 
GLN 'L-peptide linking' y GLUTAMINE                              ? 'C5 H10 N2 O3'   146.144 
GLU 'L-peptide linking' y 'GLUTAMIC ACID'                        ? 'C5 H9 N O4'     147.129 
GLY 'peptide linking'   y GLYCINE                                ? 'C2 H5 N O2'     75.067  
HOH non-polymer         . WATER                                  ? 'H2 O'           18.015  
ILE 'L-peptide linking' y ISOLEUCINE                             ? 'C6 H13 N O2'    131.173 
LEU 'L-peptide linking' y LEUCINE                                ? 'C6 H13 N O2'    131.173 
LYS 'L-peptide linking' y LYSINE                                 ? 'C6 H15 N2 O2 1' 147.195 
MES non-polymer         . '2-(N-MORPHOLINO)-ETHANESULFONIC ACID' ? 'C6 H13 N O4 S'  195.237 
MET 'L-peptide linking' y METHIONINE                             ? 'C5 H11 N O2 S'  149.211 
PHE 'L-peptide linking' y PHENYLALANINE                          ? 'C9 H11 N O2'    165.189 
PRO 'L-peptide linking' y PROLINE                                ? 'C5 H9 N O2'     115.130 
SER 'L-peptide linking' y SERINE                                 ? 'C3 H7 N O3'     105.093 
THR 'L-peptide linking' y THREONINE                              ? 'C4 H9 N O3'     119.119 
TRP 'L-peptide linking' y TRYPTOPHAN                             ? 'C11 H12 N2 O2'  204.225 
TYR 'L-peptide linking' y TYROSINE                               ? 'C9 H11 N O3'    181.189 
UNX non-polymer         . 'UNKNOWN ATOM OR ION'                  ? ?                ?       
VAL 'L-peptide linking' y VALINE                                 ? 'C5 H11 N O2'    117.146 
# 
_exptl.absorpt_coefficient_mu     ? 
_exptl.absorpt_correction_T_max   ? 
_exptl.absorpt_correction_T_min   ? 
_exptl.absorpt_correction_type    ? 
_exptl.absorpt_process_details    ? 
_exptl.entry_id                   6MIW 
_exptl.crystals_number            1 
_exptl.details                    ? 
_exptl.method                     'X-RAY DIFFRACTION' 
_exptl.method_details             ? 
# 
_exptl_crystal.colour                      ? 
_exptl_crystal.density_diffrn              ? 
_exptl_crystal.density_Matthews            2.64 
_exptl_crystal.density_method              ? 
_exptl_crystal.density_percent_sol         53.48 
_exptl_crystal.description                 ? 
_exptl_crystal.F_000                       ? 
_exptl_crystal.id                          1 
_exptl_crystal.preparation                 ? 
_exptl_crystal.size_max                    ? 
_exptl_crystal.size_mid                    ? 
_exptl_crystal.size_min                    ? 
_exptl_crystal.size_rad                    ? 
_exptl_crystal.colour_lustre               ? 
_exptl_crystal.colour_modifier             ? 
_exptl_crystal.colour_primary              ? 
_exptl_crystal.density_meas                ? 
_exptl_crystal.density_meas_esd            ? 
_exptl_crystal.density_meas_gt             ? 
_exptl_crystal.density_meas_lt             ? 
_exptl_crystal.density_meas_temp           ? 
_exptl_crystal.density_meas_temp_esd       ? 
_exptl_crystal.density_meas_temp_gt        ? 
_exptl_crystal.density_meas_temp_lt        ? 
_exptl_crystal.pdbx_crystal_image_url      ? 
_exptl_crystal.pdbx_crystal_image_format   ? 
_exptl_crystal.pdbx_mosaicity              ? 
_exptl_crystal.pdbx_mosaicity_esd          ? 
# 
_exptl_crystal_grow.apparatus       ? 
_exptl_crystal_grow.atmosphere      ? 
_exptl_crystal_grow.crystal_id      1 
_exptl_crystal_grow.details         ? 
_exptl_crystal_grow.method          'VAPOR DIFFUSION, SITTING DROP' 
_exptl_crystal_grow.method_ref      ? 
_exptl_crystal_grow.pH              6.5 
_exptl_crystal_grow.pressure        ? 
_exptl_crystal_grow.pressure_esd    ? 
_exptl_crystal_grow.seeding         ? 
_exptl_crystal_grow.seeding_ref     ? 
_exptl_crystal_grow.temp            293 
_exptl_crystal_grow.temp_details    ? 
_exptl_crystal_grow.temp_esd        ? 
_exptl_crystal_grow.time            ? 
_exptl_crystal_grow.pdbx_details    'Molecular Dimensions Morpheus HT condition D3' 
_exptl_crystal_grow.pdbx_pH_range   ? 
# 
_diffrn.ambient_environment              ? 
_diffrn.ambient_temp                     100 
_diffrn.ambient_temp_details             ? 
_diffrn.ambient_temp_esd                 ? 
_diffrn.crystal_id                       1 
_diffrn.crystal_support                  ? 
_diffrn.crystal_treatment                ? 
_diffrn.details                          ? 
_diffrn.id                               1 
_diffrn.ambient_pressure                 ? 
_diffrn.ambient_pressure_esd             ? 
_diffrn.ambient_pressure_gt              ? 
_diffrn.ambient_pressure_lt              ? 
_diffrn.ambient_temp_gt                  ? 
_diffrn.ambient_temp_lt                  ? 
_diffrn.pdbx_serial_crystal_experiment   ? 
# 
_diffrn_detector.details                      ? 
_diffrn_detector.detector                     CCD 
_diffrn_detector.diffrn_id                    1 
_diffrn_detector.type                         'RIGAKU SATURN A200' 
_diffrn_detector.area_resol_mean              ? 
_diffrn_detector.dtime                        ? 
_diffrn_detector.pdbx_frames_total            ? 
_diffrn_detector.pdbx_collection_time_total   ? 
_diffrn_detector.pdbx_collection_date         2018-08-23 
_diffrn_detector.pdbx_frequency               ? 
# 
_diffrn_radiation.collimation                      ? 
_diffrn_radiation.diffrn_id                        1 
_diffrn_radiation.filter_edge                      ? 
_diffrn_radiation.inhomogeneity                    ? 
_diffrn_radiation.monochromator                    ? 
_diffrn_radiation.polarisn_norm                    ? 
_diffrn_radiation.polarisn_ratio                   ? 
_diffrn_radiation.probe                            ? 
_diffrn_radiation.type                             ? 
_diffrn_radiation.xray_symbol                      ? 
_diffrn_radiation.wavelength_id                    1 
_diffrn_radiation.pdbx_monochromatic_or_laue_m_l   M 
_diffrn_radiation.pdbx_wavelength_list             ? 
_diffrn_radiation.pdbx_wavelength                  ? 
_diffrn_radiation.pdbx_diffrn_protocol             'SINGLE WAVELENGTH' 
_diffrn_radiation.pdbx_analyzer                    ? 
_diffrn_radiation.pdbx_scattering_type             x-ray 
# 
_diffrn_radiation_wavelength.id           1 
_diffrn_radiation_wavelength.wavelength   1.5418 
_diffrn_radiation_wavelength.wt           1.0 
# 
_diffrn_source.current                     ? 
_diffrn_source.details                     ? 
_diffrn_source.diffrn_id                   1 
_diffrn_source.power                       ? 
_diffrn_source.size                        ? 
_diffrn_source.source                      'ROTATING ANODE' 
_diffrn_source.target                      ? 
_diffrn_source.type                        'RIGAKU FR-E' 
_diffrn_source.voltage                     ? 
_diffrn_source.take-off_angle              ? 
_diffrn_source.pdbx_wavelength_list        1.5418 
_diffrn_source.pdbx_wavelength             ? 
_diffrn_source.pdbx_synchrotron_beamline   ? 
_diffrn_source.pdbx_synchrotron_site       ? 
# 
_reflns.B_iso_Wilson_estimate            ? 
_reflns.entry_id                         6MIW 
_reflns.data_reduction_details           ? 
_reflns.data_reduction_method            ? 
_reflns.d_resolution_high                2.000 
_reflns.d_resolution_low                 30.070 
_reflns.details                          ? 
_reflns.limit_h_max                      ? 
_reflns.limit_h_min                      ? 
_reflns.limit_k_max                      ? 
_reflns.limit_k_min                      ? 
_reflns.limit_l_max                      ? 
_reflns.limit_l_min                      ? 
_reflns.number_all                       ? 
_reflns.number_obs                       7843 
_reflns.observed_criterion               ? 
_reflns.observed_criterion_F_max         ? 
_reflns.observed_criterion_F_min         ? 
_reflns.observed_criterion_I_max         ? 
_reflns.observed_criterion_I_min         ? 
_reflns.observed_criterion_sigma_F       ? 
_reflns.observed_criterion_sigma_I       ? 
_reflns.percent_possible_obs             100.000 
_reflns.R_free_details                   ? 
_reflns.Rmerge_F_all                     ? 
_reflns.Rmerge_F_obs                     ? 
_reflns.Friedel_coverage                 ? 
_reflns.number_gt                        ? 
_reflns.threshold_expression             ? 
_reflns.pdbx_redundancy                  10.400 
_reflns.pdbx_Rmerge_I_obs                0.093 
_reflns.pdbx_Rmerge_I_all                ? 
_reflns.pdbx_Rsym_value                  ? 
_reflns.pdbx_netI_over_av_sigmaI         ? 
_reflns.pdbx_netI_over_sigmaI            22.400 
_reflns.pdbx_res_netI_over_av_sigmaI_2   ? 
_reflns.pdbx_res_netI_over_sigmaI_2      ? 
_reflns.pdbx_chi_squared                 ? 
_reflns.pdbx_scaling_rejects             1 
_reflns.pdbx_d_res_high_opt              ? 
_reflns.pdbx_d_res_low_opt               ? 
_reflns.pdbx_d_res_opt_method            ? 
_reflns.phase_calculation_details        ? 
_reflns.pdbx_Rrim_I_all                  0.098 
_reflns.pdbx_Rpim_I_all                  0.030 
_reflns.pdbx_d_opt                       ? 
_reflns.pdbx_number_measured_all         81684 
_reflns.pdbx_diffrn_id                   1 
_reflns.pdbx_ordinal                     1 
_reflns.pdbx_CC_half                     0.999 
_reflns.pdbx_R_split                     ? 
# 
loop_
_reflns_shell.d_res_high 
_reflns_shell.d_res_low 
_reflns_shell.meanI_over_sigI_all 
_reflns_shell.meanI_over_sigI_obs 
_reflns_shell.number_measured_all 
_reflns_shell.number_measured_obs 
_reflns_shell.number_possible 
_reflns_shell.number_unique_all 
_reflns_shell.number_unique_obs 
_reflns_shell.percent_possible_all 
_reflns_shell.percent_possible_obs 
_reflns_shell.Rmerge_F_all 
_reflns_shell.Rmerge_F_obs 
_reflns_shell.Rmerge_I_all 
_reflns_shell.Rmerge_I_obs 
_reflns_shell.meanI_over_sigI_gt 
_reflns_shell.meanI_over_uI_all 
_reflns_shell.meanI_over_uI_gt 
_reflns_shell.number_measured_gt 
_reflns_shell.number_unique_gt 
_reflns_shell.percent_possible_gt 
_reflns_shell.Rmerge_F_gt 
_reflns_shell.Rmerge_I_gt 
_reflns_shell.pdbx_redundancy 
_reflns_shell.pdbx_Rsym_value 
_reflns_shell.pdbx_chi_squared 
_reflns_shell.pdbx_netI_over_sigmaI_all 
_reflns_shell.pdbx_netI_over_sigmaI_obs 
_reflns_shell.pdbx_Rrim_I_all 
_reflns_shell.pdbx_Rpim_I_all 
_reflns_shell.pdbx_rejects 
_reflns_shell.pdbx_ordinal 
_reflns_shell.pdbx_diffrn_id 
_reflns_shell.pdbx_CC_half 
_reflns_shell.pdbx_R_split 
2.000 2.050  ? ? 5967 ? ? 581 ? 100.000 ? ? ? ? 1.073 ? ? ? ? ? ? ? ? 10.300 ? ? ? 2.400  1.130 0.352 ? 1 1 0.789 ? 
8.940 30.070 ? ? 875  ? ? 106 ? 97.900  ? ? ? ? 0.023 ? ? ? ? ? ? ? ? 8.300  ? ? ? 81.600 0.024 0.008 ? 2 1 1.000 ? 
# 
_refine.aniso_B[1][1]                            -0.2100 
_refine.aniso_B[1][2]                            -0.1100 
_refine.aniso_B[1][3]                            -0.0000 
_refine.aniso_B[2][2]                            -0.2100 
_refine.aniso_B[2][3]                            0.0000 
_refine.aniso_B[3][3]                            0.6900 
_refine.B_iso_max                                71.710 
_refine.B_iso_mean                               28.3260 
_refine.B_iso_min                                12.110 
_refine.correlation_coeff_Fo_to_Fc               0.9590 
_refine.correlation_coeff_Fo_to_Fc_free          0.9500 
_refine.details                                  
'HYDROGENS HAVE BEEN ADDED IN THE RIDING POSITIONS U VALUES      : REFINED INDIVIDUALLY' 
_refine.diff_density_max                         ? 
_refine.diff_density_max_esd                     ? 
_refine.diff_density_min                         ? 
_refine.diff_density_min_esd                     ? 
_refine.diff_density_rms                         ? 
_refine.diff_density_rms_esd                     ? 
_refine.entry_id                                 6MIW 
_refine.pdbx_refine_id                           'X-RAY DIFFRACTION' 
_refine.ls_abs_structure_details                 ? 
_refine.ls_abs_structure_Flack                   ? 
_refine.ls_abs_structure_Flack_esd               ? 
_refine.ls_abs_structure_Rogers                  ? 
_refine.ls_abs_structure_Rogers_esd              ? 
_refine.ls_d_res_high                            2.0000 
_refine.ls_d_res_low                             30.0900 
_refine.ls_extinction_coef                       ? 
_refine.ls_extinction_coef_esd                   ? 
_refine.ls_extinction_expression                 ? 
_refine.ls_extinction_method                     ? 
_refine.ls_goodness_of_fit_all                   ? 
_refine.ls_goodness_of_fit_all_esd               ? 
_refine.ls_goodness_of_fit_obs                   ? 
_refine.ls_goodness_of_fit_obs_esd               ? 
_refine.ls_hydrogen_treatment                    ? 
_refine.ls_matrix_type                           ? 
_refine.ls_number_constraints                    ? 
_refine.ls_number_parameters                     ? 
_refine.ls_number_reflns_all                     ? 
_refine.ls_number_reflns_obs                     7436 
_refine.ls_number_reflns_R_free                  387 
_refine.ls_number_reflns_R_work                  ? 
_refine.ls_number_restraints                     ? 
_refine.ls_percent_reflns_obs                    99.9200 
_refine.ls_percent_reflns_R_free                 4.9000 
_refine.ls_R_factor_all                          ? 
_refine.ls_R_factor_obs                          0.1814 
_refine.ls_R_factor_R_free                       0.2118 
_refine.ls_R_factor_R_free_error                 ? 
_refine.ls_R_factor_R_free_error_details         ? 
_refine.ls_R_factor_R_work                       0.1798 
_refine.ls_R_Fsqd_factor_obs                     ? 
_refine.ls_R_I_factor_obs                        ? 
_refine.ls_redundancy_reflns_all                 ? 
_refine.ls_redundancy_reflns_obs                 ? 
_refine.ls_restrained_S_all                      ? 
_refine.ls_restrained_S_obs                      ? 
_refine.ls_shift_over_esd_max                    ? 
_refine.ls_shift_over_esd_mean                   ? 
_refine.ls_structure_factor_coef                 ? 
_refine.ls_weighting_details                     ? 
_refine.ls_weighting_scheme                      ? 
_refine.ls_wR_factor_all                         ? 
_refine.ls_wR_factor_obs                         ? 
_refine.ls_wR_factor_R_free                      ? 
_refine.ls_wR_factor_R_work                      ? 
_refine.occupancy_max                            ? 
_refine.occupancy_min                            ? 
_refine.solvent_model_details                    ? 
_refine.solvent_model_param_bsol                 ? 
_refine.solvent_model_param_ksol                 ? 
_refine.ls_R_factor_gt                           ? 
_refine.ls_goodness_of_fit_gt                    ? 
_refine.ls_goodness_of_fit_ref                   ? 
_refine.ls_shift_over_su_max                     ? 
_refine.ls_shift_over_su_max_lt                  ? 
_refine.ls_shift_over_su_mean                    ? 
_refine.ls_shift_over_su_mean_lt                 ? 
_refine.pdbx_ls_sigma_I                          ? 
_refine.pdbx_ls_sigma_F                          0.000 
_refine.pdbx_ls_sigma_Fsqd                       ? 
_refine.pdbx_data_cutoff_high_absF               ? 
_refine.pdbx_data_cutoff_high_rms_absF           ? 
_refine.pdbx_data_cutoff_low_absF                ? 
_refine.pdbx_isotropic_thermal_model             ? 
_refine.pdbx_ls_cross_valid_method               THROUGHOUT 
_refine.pdbx_method_to_determine_struct          'MOLECULAR REPLACEMENT' 
_refine.pdbx_starting_model                      'FFAS model based on PDB entry 1ujr' 
_refine.pdbx_stereochemistry_target_values       ? 
_refine.pdbx_R_Free_selection_details            ? 
_refine.pdbx_stereochem_target_val_spec_case     ? 
_refine.pdbx_overall_ESU_R                       0.1250 
_refine.pdbx_overall_ESU_R_Free                  0.1210 
_refine.pdbx_solvent_vdw_probe_radii             1.2000 
_refine.pdbx_solvent_ion_probe_radii             0.8000 
_refine.pdbx_solvent_shrinkage_radii             0.8000 
_refine.pdbx_real_space_R                        ? 
_refine.pdbx_density_correlation                 ? 
_refine.pdbx_pd_number_of_powder_patterns        ? 
_refine.pdbx_pd_number_of_points                 ? 
_refine.pdbx_pd_meas_number_of_points            ? 
_refine.pdbx_pd_proc_ls_prof_R_factor            ? 
_refine.pdbx_pd_proc_ls_prof_wR_factor           ? 
_refine.pdbx_pd_Marquardt_correlation_coeff      ? 
_refine.pdbx_pd_Fsqrd_R_factor                   ? 
_refine.pdbx_pd_ls_matrix_band_width             ? 
_refine.pdbx_overall_phase_error                 ? 
_refine.pdbx_overall_SU_R_free_Cruickshank_DPI   ? 
_refine.pdbx_overall_SU_R_free_Blow_DPI          ? 
_refine.pdbx_overall_SU_R_Blow_DPI               ? 
_refine.pdbx_TLS_residual_ADP_flag               ? 
_refine.pdbx_diffrn_id                           1 
_refine.overall_SU_B                             3.1000 
_refine.overall_SU_ML                            0.0830 
_refine.overall_SU_R_Cruickshank_DPI             ? 
_refine.overall_SU_R_free                        ? 
_refine.overall_FOM_free_R_set                   ? 
_refine.overall_FOM_work_R_set                   ? 
_refine.pdbx_average_fsc_overall                 ? 
_refine.pdbx_average_fsc_work                    ? 
_refine.pdbx_average_fsc_free                    ? 
# 
_refine_hist.cycle_id                         final 
_refine_hist.pdbx_refine_id                   'X-RAY DIFFRACTION' 
_refine_hist.d_res_high                       2.0000 
_refine_hist.d_res_low                        30.0900 
_refine_hist.pdbx_number_atoms_ligand         22 
_refine_hist.number_atoms_solvent             19 
_refine_hist.number_atoms_total               586 
_refine_hist.pdbx_number_residues_total       70 
_refine_hist.pdbx_B_iso_mean_ligand           34.16 
_refine_hist.pdbx_B_iso_mean_solvent          35.11 
_refine_hist.pdbx_number_atoms_protein        545 
_refine_hist.pdbx_number_atoms_nucleic_acid   0 
# 
loop_
_refine_ls_restr.pdbx_refine_id 
_refine_ls_restr.criterion 
_refine_ls_restr.dev_ideal 
_refine_ls_restr.dev_ideal_target 
_refine_ls_restr.number 
_refine_ls_restr.rejects 
_refine_ls_restr.type 
_refine_ls_restr.weight 
_refine_ls_restr.pdbx_restraint_function 
'X-RAY DIFFRACTION' ? 0.013  0.012  574  ? r_bond_refined_d       ? ? 
'X-RAY DIFFRACTION' ? 0.001  0.018  483  ? r_bond_other_d         ? ? 
'X-RAY DIFFRACTION' ? 1.715  1.644  782  ? r_angle_refined_deg    ? ? 
'X-RAY DIFFRACTION' ? 1.455  1.577  1115 ? r_angle_other_deg      ? ? 
'X-RAY DIFFRACTION' ? 6.618  5.000  70   ? r_dihedral_angle_1_deg ? ? 
'X-RAY DIFFRACTION' ? 30.664 20.938 32   ? r_dihedral_angle_2_deg ? ? 
'X-RAY DIFFRACTION' ? 12.494 15.000 82   ? r_dihedral_angle_3_deg ? ? 
'X-RAY DIFFRACTION' ? 16.387 15.000 5    ? r_dihedral_angle_4_deg ? ? 
'X-RAY DIFFRACTION' ? 0.079  0.200  75   ? r_chiral_restr         ? ? 
'X-RAY DIFFRACTION' ? 0.010  0.020  647  ? r_gen_planes_refined   ? ? 
'X-RAY DIFFRACTION' ? 0.001  0.020  140  ? r_gen_planes_other     ? ? 
'X-RAY DIFFRACTION' ? 2.873  2.981  278  ? r_mcbond_it            ? ? 
'X-RAY DIFFRACTION' ? 2.868  2.991  279  ? r_mcbond_other         ? ? 
'X-RAY DIFFRACTION' ? 4.076  4.447  347  ? r_mcangle_it           ? ? 
# 
_refine_ls_shell.pdbx_refine_id                   'X-RAY DIFFRACTION' 
_refine_ls_shell.d_res_high                       2.0000 
_refine_ls_shell.d_res_low                        2.0520 
_refine_ls_shell.number_reflns_all                577 
_refine_ls_shell.number_reflns_obs                ? 
_refine_ls_shell.number_reflns_R_free             23 
_refine_ls_shell.number_reflns_R_work             554 
_refine_ls_shell.percent_reflns_obs               99.4800 
_refine_ls_shell.percent_reflns_R_free            ? 
_refine_ls_shell.R_factor_all                     ? 
_refine_ls_shell.R_factor_obs                     ? 
_refine_ls_shell.R_factor_R_free                  0.3700 
_refine_ls_shell.R_factor_R_free_error            ? 
_refine_ls_shell.R_factor_R_work                  0.2340 
_refine_ls_shell.redundancy_reflns_all            ? 
_refine_ls_shell.redundancy_reflns_obs            ? 
_refine_ls_shell.wR_factor_all                    ? 
_refine_ls_shell.wR_factor_obs                    ? 
_refine_ls_shell.wR_factor_R_free                 ? 
_refine_ls_shell.wR_factor_R_work                 ? 
_refine_ls_shell.pdbx_total_number_of_bins_used   20 
_refine_ls_shell.pdbx_phase_error                 ? 
_refine_ls_shell.pdbx_fsc_work                    ? 
_refine_ls_shell.pdbx_fsc_free                    ? 
# 
_struct.entry_id                     6MIW 
_struct.title                        'WWE domain of human HUWE1' 
_struct.pdbx_model_details           ? 
_struct.pdbx_formula_weight          ? 
_struct.pdbx_formula_weight_method   ? 
_struct.pdbx_model_type_details      ? 
_struct.pdbx_CASP_flag               N 
# 
_struct_keywords.entry_id        6MIW 
_struct_keywords.text            'WWE domain, Structural Genomics, Structural Genomics Consortium, SGC, LIGASE' 
_struct_keywords.pdbx_keywords   LIGASE 
# 
loop_
_struct_asym.id 
_struct_asym.pdbx_blank_PDB_chainid_flag 
_struct_asym.pdbx_modified 
_struct_asym.entity_id 
_struct_asym.details 
A N N 1 ? 
B N N 2 ? 
C N N 2 ? 
D N N 2 ? 
E N N 2 ? 
F N N 2 ? 
G N N 2 ? 
H N N 2 ? 
I N N 2 ? 
J N N 2 ? 
K N N 2 ? 
L N N 3 ? 
M N N 4 ? 
# 
_struct_conf.conf_type_id            HELX_P 
_struct_conf.id                      HELX_P1 
_struct_conf.pdbx_PDB_helix_id       AA1 
_struct_conf.beg_label_comp_id       SER 
_struct_conf.beg_label_asym_id       A 
_struct_conf.beg_label_seq_id        22 
_struct_conf.pdbx_beg_PDB_ins_code   ? 
_struct_conf.end_label_comp_id       SER 
_struct_conf.end_label_asym_id       A 
_struct_conf.end_label_seq_id        35 
_struct_conf.pdbx_end_PDB_ins_code   ? 
_struct_conf.beg_auth_comp_id        SER 
_struct_conf.beg_auth_asym_id        A 
_struct_conf.beg_auth_seq_id         1631 
_struct_conf.end_auth_comp_id        SER 
_struct_conf.end_auth_asym_id        A 
_struct_conf.end_auth_seq_id         1644 
_struct_conf.pdbx_PDB_helix_class    1 
_struct_conf.details                 ? 
_struct_conf.pdbx_PDB_helix_length   14 
# 
_struct_conf_type.id          HELX_P 
_struct_conf_type.criteria    ? 
_struct_conf_type.reference   ? 
# 
_struct_sheet.id               AA1 
_struct_sheet.type             ? 
_struct_sheet.number_strands   6 
_struct_sheet.details          ? 
# 
loop_
_struct_sheet_order.sheet_id 
_struct_sheet_order.range_id_1 
_struct_sheet_order.range_id_2 
_struct_sheet_order.offset 
_struct_sheet_order.sense 
AA1 1 2 ? anti-parallel 
AA1 2 3 ? anti-parallel 
AA1 3 4 ? anti-parallel 
AA1 4 5 ? anti-parallel 
AA1 5 6 ? anti-parallel 
# 
loop_
_struct_sheet_range.sheet_id 
_struct_sheet_range.id 
_struct_sheet_range.beg_label_comp_id 
_struct_sheet_range.beg_label_asym_id 
_struct_sheet_range.beg_label_seq_id 
_struct_sheet_range.pdbx_beg_PDB_ins_code 
_struct_sheet_range.end_label_comp_id 
_struct_sheet_range.end_label_asym_id 
_struct_sheet_range.end_label_seq_id 
_struct_sheet_range.pdbx_end_PDB_ins_code 
_struct_sheet_range.beg_auth_comp_id 
_struct_sheet_range.beg_auth_asym_id 
_struct_sheet_range.beg_auth_seq_id 
_struct_sheet_range.end_auth_comp_id 
_struct_sheet_range.end_auth_asym_id 
_struct_sheet_range.end_auth_seq_id 
AA1 1 ARG A 17 ? SER A 20 ? ARG A 1626 SER A 1629 
AA1 2 ASN A 7  ? ASP A 12 ? ASN A 1616 ASP A 1621 
AA1 3 ARG A 66 ? THR A 72 ? ARG A 1675 THR A 1681 
AA1 4 VAL A 57 ? ASN A 60 ? VAL A 1666 ASN A 1669 
AA1 5 ARG A 47 ? GLN A 52 ? ARG A 1656 GLN A 1661 
AA1 6 SER A 39 ? ALA A 44 ? SER A 1648 ALA A 1653 
# 
loop_
_pdbx_struct_sheet_hbond.sheet_id 
_pdbx_struct_sheet_hbond.range_id_1 
_pdbx_struct_sheet_hbond.range_id_2 
_pdbx_struct_sheet_hbond.range_1_label_atom_id 
_pdbx_struct_sheet_hbond.range_1_label_comp_id 
_pdbx_struct_sheet_hbond.range_1_label_asym_id 
_pdbx_struct_sheet_hbond.range_1_label_seq_id 
_pdbx_struct_sheet_hbond.range_1_PDB_ins_code 
_pdbx_struct_sheet_hbond.range_1_auth_atom_id 
_pdbx_struct_sheet_hbond.range_1_auth_comp_id 
_pdbx_struct_sheet_hbond.range_1_auth_asym_id 
_pdbx_struct_sheet_hbond.range_1_auth_seq_id 
_pdbx_struct_sheet_hbond.range_2_label_atom_id 
_pdbx_struct_sheet_hbond.range_2_label_comp_id 
_pdbx_struct_sheet_hbond.range_2_label_asym_id 
_pdbx_struct_sheet_hbond.range_2_label_seq_id 
_pdbx_struct_sheet_hbond.range_2_PDB_ins_code 
_pdbx_struct_sheet_hbond.range_2_auth_atom_id 
_pdbx_struct_sheet_hbond.range_2_auth_comp_id 
_pdbx_struct_sheet_hbond.range_2_auth_asym_id 
_pdbx_struct_sheet_hbond.range_2_auth_seq_id 
AA1 1 2 O CYS A 19 ? O CYS A 1628 N TRP A 10 ? N TRP A 1619 
AA1 2 3 N ASN A 7  ? N ASN A 1616 O THR A 72 ? O THR A 1681 
AA1 3 4 O ARG A 67 ? O ARG A 1676 N GLN A 58 ? N GLN A 1667 
AA1 4 5 O VAL A 59 ? O VAL A 1668 N THR A 50 ? N THR A 1659 
AA1 5 6 O TYR A 49 ? O TYR A 1658 N PHE A 42 ? N PHE A 1651 
# 
_struct_site.id                   AC1 
_struct_site.pdbx_evidence_code   Software 
_struct_site.pdbx_auth_asym_id    A 
_struct_site.pdbx_auth_comp_id    MES 
_struct_site.pdbx_auth_seq_id     1811 
_struct_site.pdbx_auth_ins_code   ? 
_struct_site.pdbx_num_residues    7 
_struct_site.details              'binding site for residue MES A 1811' 
# 
loop_
_struct_site_gen.id 
_struct_site_gen.site_id 
_struct_site_gen.pdbx_num_res 
_struct_site_gen.label_comp_id 
_struct_site_gen.label_asym_id 
_struct_site_gen.label_seq_id 
_struct_site_gen.pdbx_auth_ins_code 
_struct_site_gen.auth_comp_id 
_struct_site_gen.auth_asym_id 
_struct_site_gen.auth_seq_id 
_struct_site_gen.label_atom_id 
_struct_site_gen.label_alt_id 
_struct_site_gen.symmetry 
_struct_site_gen.details 
1 AC1 7 TRP A 10 ? TRP A 1619 . ? 1_555 ? 
2 AC1 7 TYR A 21 ? TYR A 1630 . ? 1_555 ? 
3 AC1 7 SER A 22 ? SER A 1631 . ? 1_555 ? 
4 AC1 7 ASN A 25 ? ASN A 1634 . ? 1_555 ? 
5 AC1 7 TYR A 49 ? TYR A 1658 . ? 1_555 ? 
6 AC1 7 GLN A 58 ? GLN A 1667 . ? 1_555 ? 
7 AC1 7 ARG A 67 ? ARG A 1676 . ? 1_555 ? 
# 
_atom_sites.entry_id                    6MIW 
_atom_sites.fract_transf_matrix[1][1]   -0.01020275 
_atom_sites.fract_transf_matrix[1][2]   0.01408192 
_atom_sites.fract_transf_matrix[1][3]   -0.00814492 
_atom_sites.fract_transf_matrix[2][1]   -0.01315652 
_atom_sites.fract_transf_matrix[2][2]   -0.00416343 
_atom_sites.fract_transf_matrix[2][3]   -0.01335248 
_atom_sites.fract_transf_matrix[3][1]   -0.01304269 
_atom_sites.fract_transf_matrix[3][2]   -0.00170854 
_atom_sites.fract_transf_matrix[3][3]   0.01338402 
_atom_sites.fract_transf_vector[1]      -0.416820 
_atom_sites.fract_transf_vector[2]      0.164626 
_atom_sites.fract_transf_vector[3]      0.045376 
# 
loop_
_atom_type.symbol 
C 
N 
O 
S 
X 
# 
loop_
_atom_site.group_PDB 
_atom_site.id 
_atom_site.type_symbol 
_atom_site.label_atom_id 
_atom_site.label_alt_id 
_atom_site.label_comp_id 
_atom_site.label_asym_id 
_atom_site.label_entity_id 
_atom_site.label_seq_id 
_atom_site.pdbx_PDB_ins_code 
_atom_site.Cartn_x 
_atom_site.Cartn_y 
_atom_site.Cartn_z 
_atom_site.occupancy 
_atom_site.B_iso_or_equiv 
_atom_site.pdbx_formal_charge 
_atom_site.auth_seq_id 
_atom_site.auth_comp_id 
_atom_site.auth_asym_id 
_atom_site.auth_atom_id 
_atom_site.pdbx_PDB_model_num 
ATOM   1   N N   . SER A 1 5  ? 2.398   15.253  -3.490  1.00 64.22 ? 1614 SER A N   1 
ATOM   2   C CA  . SER A 1 5  ? 2.365   13.756  -3.282  1.00 62.29 ? 1614 SER A CA  1 
ATOM   3   C C   . SER A 1 5  ? 2.832   13.360  -1.861  1.00 54.17 ? 1614 SER A C   1 
ATOM   4   O O   . SER A 1 5  ? 3.978   13.681  -1.481  1.00 50.53 ? 1614 SER A O   1 
ATOM   5   C CB  . SER A 1 5  ? 3.164   13.069  -4.351  1.00 62.15 ? 1614 SER A CB  1 
ATOM   6   O OG  . SER A 1 5  ? 3.251   11.683  -4.073  1.00 60.59 ? 1614 SER A OG  1 
ATOM   7   N N   . ASN A 1 6  ? 1.963   12.680  -1.098  1.00 46.45 ? 1615 ASN A N   1 
ATOM   8   C CA  . ASN A 1 6  ? 2.257   12.083  0.241   1.00 40.06 ? 1615 ASN A CA  1 
ATOM   9   C C   . ASN A 1 6  ? 3.193   10.869  0.094   1.00 33.64 ? 1615 ASN A C   1 
ATOM   10  O O   . ASN A 1 6  ? 3.402   10.384  -1.061  1.00 35.19 ? 1615 ASN A O   1 
ATOM   11  C CB  . ASN A 1 6  ? 0.933   11.723  0.918   1.00 42.66 ? 1615 ASN A CB  1 
ATOM   12  C CG  . ASN A 1 6  ? -0.055  12.878  0.880   1.00 45.98 ? 1615 ASN A CG  1 
ATOM   13  O OD1 . ASN A 1 6  ? 0.288   13.985  1.289   1.00 46.49 ? 1615 ASN A OD1 1 
ATOM   14  N ND2 . ASN A 1 6  ? -1.265  12.642  0.397   1.00 38.02 ? 1615 ASN A ND2 1 
ATOM   15  N N   . ASN A 1 7  ? 3.714   10.347  1.203   1.00 32.31 ? 1616 ASN A N   1 
ATOM   16  C CA  . ASN A 1 7  ? 4.599   9.145   1.223   1.00 32.98 ? 1616 ASN A CA  1 
ATOM   17  C C   . ASN A 1 7  ? 3.911   7.988   1.938   1.00 29.34 ? 1616 ASN A C   1 
ATOM   18  O O   . ASN A 1 7  ? 3.636   8.115   3.140   1.00 28.41 ? 1616 ASN A O   1 
ATOM   19  C CB  . ASN A 1 7  ? 5.951   9.424   1.866   1.00 36.24 ? 1616 ASN A CB  1 
ATOM   20  C CG  . ASN A 1 7  ? 6.719   10.371  0.976   1.00 48.61 ? 1616 ASN A CG  1 
ATOM   21  O OD1 . ASN A 1 7  ? 6.931   10.063  -0.197  1.00 51.98 ? 1616 ASN A OD1 1 
ATOM   22  N ND2 . ASN A 1 7  ? 7.054   11.543  1.492   1.00 49.13 ? 1616 ASN A ND2 1 
ATOM   23  N N   . TRP A 1 8  ? 3.658   6.920   1.196   1.00 24.63 ? 1617 TRP A N   1 
ATOM   24  C CA  . TRP A 1 8  ? 3.022   5.682   1.701   1.00 24.82 ? 1617 TRP A CA  1 
ATOM   25  C C   . TRP A 1 8  ? 4.128   4.693   2.042   1.00 24.91 ? 1617 TRP A C   1 
ATOM   26  O O   . TRP A 1 8  ? 5.094   4.619   1.272   1.00 21.82 ? 1617 TRP A O   1 
ATOM   27  C CB  . TRP A 1 8  ? 2.005   5.112   0.698   1.00 23.85 ? 1617 TRP A CB  1 
ATOM   28  C CG  . TRP A 1 8  ? 0.785   5.978   0.609   1.00 23.83 ? 1617 TRP A CG  1 
ATOM   29  C CD1 . TRP A 1 8  ? 0.630   7.138   -0.099  1.00 25.59 ? 1617 TRP A CD1 1 
ATOM   30  C CD2 . TRP A 1 8  ? -0.421  5.805   1.361   1.00 23.91 ? 1617 TRP A CD2 1 
ATOM   31  N NE1 . TRP A 1 8  ? -0.625  7.666   0.116   1.00 24.73 ? 1617 TRP A NE1 1 
ATOM   32  C CE2 . TRP A 1 8  ? -1.289  6.870   1.009   1.00 25.50 ? 1617 TRP A CE2 1 
ATOM   33  C CE3 . TRP A 1 8  ? -0.869  4.811   2.243   1.00 25.08 ? 1617 TRP A CE3 1 
ATOM   34  C CZ2 . TRP A 1 8  ? -2.572  6.985   1.545   1.00 27.36 ? 1617 TRP A CZ2 1 
ATOM   35  C CZ3 . TRP A 1 8  ? -2.143  4.910   2.754   1.00 25.96 ? 1617 TRP A CZ3 1 
ATOM   36  C CH2 . TRP A 1 8  ? -2.972  5.993   2.426   1.00 28.79 ? 1617 TRP A CH2 1 
ATOM   37  N N   . ARG A 1 9  ? 3.949   3.934   3.138   1.00 21.77 ? 1618 ARG A N   1 
ATOM   38  C CA  . ARG A 1 9  ? 4.912   2.908   3.553   1.00 21.14 ? 1618 ARG A CA  1 
ATOM   39  C C   . ARG A 1 9  ? 4.140   1.680   3.950   1.00 19.54 ? 1618 ARG A C   1 
ATOM   40  O O   . ARG A 1 9  ? 2.966   1.792   4.354   1.00 22.89 ? 1618 ARG A O   1 
ATOM   41  C CB  . ARG A 1 9  ? 5.832   3.420   4.662   1.00 25.10 ? 1618 ARG A CB  1 
ATOM   42  C CG  . ARG A 1 9  ? 6.560   4.709   4.291   1.00 27.26 ? 1618 ARG A CG  1 
ATOM   43  C CD  . ARG A 1 9  ? 7.504   5.056   5.428   1.00 35.62 ? 1618 ARG A CD  1 
ATOM   44  N NE  . ARG A 1 9  ? 8.600   5.930   5.063   1.00 40.37 ? 1618 ARG A NE  1 
ATOM   45  C CZ  . ARG A 1 9  ? 8.481   7.254   4.844   1.00 47.45 ? 1618 ARG A CZ  1 
ATOM   46  N NH1 . ARG A 1 9  ? 7.316   7.882   4.937   1.00 49.88 ? 1618 ARG A NH1 1 
ATOM   47  N NH2 . ARG A 1 9  ? 9.552   7.953   4.525   1.00 49.19 ? 1618 ARG A NH2 1 
ATOM   48  N N   . TRP A 1 10 ? 4.796   0.551   3.771   1.00 20.84 ? 1619 TRP A N   1 
ATOM   49  C CA  . TRP A 1 10 ? 4.313   -0.763  4.206   1.00 20.80 ? 1619 TRP A CA  1 
ATOM   50  C C   . TRP A 1 10 ? 5.307   -1.337  5.221   1.00 21.90 ? 1619 TRP A C   1 
ATOM   51  O O   . TRP A 1 10 ? 6.532   -1.009  5.189   1.00 20.49 ? 1619 TRP A O   1 
ATOM   52  C CB  . TRP A 1 10 ? 4.080   -1.668  2.996   1.00 22.75 ? 1619 TRP A CB  1 
ATOM   53  C CG  . TRP A 1 10 ? 5.340   -1.907  2.226   1.00 24.26 ? 1619 TRP A CG  1 
ATOM   54  C CD1 . TRP A 1 10 ? 5.890   -1.073  1.298   1.00 26.12 ? 1619 TRP A CD1 1 
ATOM   55  C CD2 . TRP A 1 10 ? 6.230   -3.029  2.339   1.00 25.29 ? 1619 TRP A CD2 1 
ATOM   56  N NE1 . TRP A 1 10 ? 7.028   -1.618  0.788   1.00 24.15 ? 1619 TRP A NE1 1 
ATOM   57  C CE2 . TRP A 1 10 ? 7.288   -2.802  1.423   1.00 26.20 ? 1619 TRP A CE2 1 
ATOM   58  C CE3 . TRP A 1 10 ? 6.251   -4.184  3.130   1.00 27.44 ? 1619 TRP A CE3 1 
ATOM   59  C CZ2 . TRP A 1 10 ? 8.353   -3.697  1.258   1.00 28.81 ? 1619 TRP A CZ2 1 
ATOM   60  C CZ3 . TRP A 1 10 ? 7.295   -5.073  2.961   1.00 28.51 ? 1619 TRP A CZ3 1 
ATOM   61  C CH2 . TRP A 1 10 ? 8.325   -4.833  2.043   1.00 27.05 ? 1619 TRP A CH2 1 
ATOM   62  N N   . PHE A 1 11 ? 4.778   -2.095  6.182   1.00 22.30 ? 1620 PHE A N   1 
ATOM   63  C CA  . PHE A 1 11 ? 5.625   -2.641  7.275   1.00 23.69 ? 1620 PHE A CA  1 
ATOM   64  C C   . PHE A 1 11 ? 6.162   -3.994  6.866   1.00 25.42 ? 1620 PHE A C   1 
ATOM   65  O O   . PHE A 1 11 ? 5.368   -4.864  6.519   1.00 26.39 ? 1620 PHE A O   1 
ATOM   66  C CB  . PHE A 1 11 ? 4.868   -2.720  8.598   1.00 23.24 ? 1620 PHE A CB  1 
ATOM   67  C CG  . PHE A 1 11 ? 5.773   -3.024  9.748   1.00 22.11 ? 1620 PHE A CG  1 
ATOM   68  C CD1 . PHE A 1 11 ? 6.599   -2.052  10.281  1.00 26.48 ? 1620 PHE A CD1 1 
ATOM   69  C CD2 . PHE A 1 11 ? 5.827   -4.316  10.251  1.00 23.74 ? 1620 PHE A CD2 1 
ATOM   70  C CE1 . PHE A 1 11 ? 7.413   -2.349  11.362  1.00 25.98 ? 1620 PHE A CE1 1 
ATOM   71  C CE2 . PHE A 1 11 ? 6.642   -4.612  11.334  1.00 25.53 ? 1620 PHE A CE2 1 
ATOM   72  C CZ  . PHE A 1 11 ? 7.430   -3.631  11.879  1.00 24.29 ? 1620 PHE A CZ  1 
ATOM   73  N N   . ASP A 1 12 ? 7.486   -4.118  6.880   1.00 26.71 ? 1621 ASP A N   1 
ATOM   74  C CA  . ASP A 1 12 ? 8.173   -5.394  6.558   1.00 28.83 ? 1621 ASP A CA  1 
ATOM   75  C C   . ASP A 1 12 ? 8.410   -6.148  7.874   1.00 30.41 ? 1621 ASP A C   1 
ATOM   76  O O   . ASP A 1 12 ? 9.367   -5.755  8.601   1.00 26.86 ? 1621 ASP A O   1 
ATOM   77  C CB  . ASP A 1 12 ? 9.488   -5.089  5.849   1.00 29.64 ? 1621 ASP A CB  1 
ATOM   78  C CG  . ASP A 1 12 ? 10.200  -6.328  5.332   1.00 33.18 ? 1621 ASP A CG  1 
ATOM   79  O OD1 . ASP A 1 12 ? 9.759   -7.437  5.638   1.00 30.87 ? 1621 ASP A OD1 1 
ATOM   80  O OD2 . ASP A 1 12 ? 11.128  -6.151  4.578   1.00 34.94 ? 1621 ASP A OD2 1 
ATOM   81  N N   . ASP A 1 13 ? 7.589   -7.160  8.202   1.00 27.66 ? 1622 ASP A N   1 
ATOM   82  C CA  . ASP A 1 13 ? 7.736   -7.948  9.454   1.00 34.08 ? 1622 ASP A CA  1 
ATOM   83  C C   . ASP A 1 13 ? 9.046   -8.771  9.422   1.00 35.33 ? 1622 ASP A C   1 
ATOM   84  O O   . ASP A 1 13 ? 9.469   -9.183  10.482  1.00 39.69 ? 1622 ASP A O   1 
ATOM   85  C CB  . ASP A 1 13 ? 6.471   -8.740  9.800   1.00 39.08 ? 1622 ASP A CB  1 
ATOM   86  C CG  . ASP A 1 13 ? 6.201   -9.889  8.849   1.00 52.03 ? 1622 ASP A CG  1 
ATOM   87  O OD1 . ASP A 1 13 ? 6.909   -10.002 7.832   1.00 52.93 ? 1622 ASP A OD1 1 
ATOM   88  O OD2 . ASP A 1 13 ? 5.274   -10.670 9.119   1.00 71.71 ? 1622 ASP A OD2 1 
ATOM   89  N N   . ARG A 1 14 ? 9.732   -8.942  8.297   1.00 30.99 ? 1623 ARG A N   1 
ATOM   90  C CA  . ARG A 1 14 ? 11.029  -9.672  8.286   1.00 34.97 ? 1623 ARG A CA  1 
ATOM   91  C C   . ARG A 1 14 ? 12.094  -8.774  8.945   1.00 38.04 ? 1623 ARG A C   1 
ATOM   92  O O   . ARG A 1 14 ? 12.711  -9.220  9.924   1.00 41.99 ? 1623 ARG A O   1 
ATOM   93  C CB  . ARG A 1 14 ? 11.371  -10.127 6.866   1.00 31.43 ? 1623 ARG A CB  1 
ATOM   94  N N   . SER A 1 15 ? 12.274  -7.529  8.493   1.00 31.82 ? 1624 SER A N   1 
ATOM   95  C CA  . SER A 1 15 ? 13.262  -6.591  9.085   1.00 30.55 ? 1624 SER A CA  1 
ATOM   96  C C   . SER A 1 15 ? 12.717  -5.911  10.334  1.00 29.66 ? 1624 SER A C   1 
ATOM   97  O O   . SER A 1 15 ? 13.512  -5.385  11.075  1.00 33.45 ? 1624 SER A O   1 
ATOM   98  C CB  . SER A 1 15 ? 13.663  -5.563  8.118   1.00 31.91 ? 1624 SER A CB  1 
ATOM   99  O OG  . SER A 1 15 ? 12.542  -4.769  7.791   1.00 31.29 ? 1624 SER A OG  1 
ATOM   100 N N   . GLY A 1 16 ? 11.404  -5.763  10.463  1.00 27.78 ? 1625 GLY A N   1 
ATOM   101 C CA  . GLY A 1 16 ? 10.765  -5.012  11.556  1.00 27.97 ? 1625 GLY A CA  1 
ATOM   102 C C   . GLY A 1 16 ? 10.801  -3.510  11.326  1.00 28.50 ? 1625 GLY A C   1 
ATOM   103 O O   . GLY A 1 16 ? 10.814  -2.745  12.288  1.00 22.84 ? 1625 GLY A O   1 
ATOM   104 N N   . ARG A 1 17 ? 10.760  -3.074  10.080  1.00 25.95 ? 1626 ARG A N   1 
ATOM   105 C CA  . ARG A 1 17 ? 10.782  -1.645  9.732   1.00 26.08 ? 1626 ARG A CA  1 
ATOM   106 C C   . ARG A 1 17 ? 9.768   -1.312  8.639   1.00 24.84 ? 1626 ARG A C   1 
ATOM   107 O O   . ARG A 1 17 ? 9.527   -2.167  7.767   1.00 24.18 ? 1626 ARG A O   1 
ATOM   108 C CB  . ARG A 1 17 ? 12.146  -1.319  9.155   1.00 32.26 ? 1626 ARG A CB  1 
ATOM   109 C CG  . ARG A 1 17 ? 13.256  -1.412  10.186  1.00 43.16 ? 1626 ARG A CG  1 
ATOM   110 C CD  . ARG A 1 17 ? 13.845  -0.078  10.494  1.00 41.81 ? 1626 ARG A CD  1 
ATOM   111 N NE  . ARG A 1 17 ? 14.594  -0.085  11.727  1.00 36.79 ? 1626 ARG A NE  1 
ATOM   112 C CZ  . ARG A 1 17 ? 15.333  0.937   12.152  1.00 39.45 ? 1626 ARG A CZ  1 
ATOM   113 N NH1 . ARG A 1 17 ? 15.394  2.028   11.404  1.00 34.79 ? 1626 ARG A NH1 1 
ATOM   114 N NH2 . ARG A 1 17 ? 16.007  0.865   13.310  1.00 34.09 ? 1626 ARG A NH2 1 
ATOM   115 N N   . TRP A 1 18 ? 9.339   -0.061  8.626   1.00 22.71 ? 1627 TRP A N   1 
ATOM   116 C CA  . TRP A 1 18 ? 8.543   0.522   7.521   1.00 24.46 ? 1627 TRP A CA  1 
ATOM   117 C C   . TRP A 1 18 ? 9.410   0.660   6.267   1.00 29.24 ? 1627 TRP A C   1 
ATOM   118 O O   . TRP A 1 18 ? 10.587  0.923   6.420   1.00 24.63 ? 1627 TRP A O   1 
ATOM   119 C CB  . TRP A 1 18 ? 7.995   1.855   7.954   1.00 22.13 ? 1627 TRP A CB  1 
ATOM   120 C CG  . TRP A 1 18 ? 6.956   1.738   9.021   1.00 21.50 ? 1627 TRP A CG  1 
ATOM   121 C CD1 . TRP A 1 18 ? 7.072   2.122   10.318  1.00 21.70 ? 1627 TRP A CD1 1 
ATOM   122 C CD2 . TRP A 1 18 ? 5.566   1.389   8.823   1.00 22.01 ? 1627 TRP A CD2 1 
ATOM   123 N NE1 . TRP A 1 18 ? 5.879   1.905   10.978  1.00 23.83 ? 1627 TRP A NE1 1 
ATOM   124 C CE2 . TRP A 1 18 ? 4.928   1.493   10.080  1.00 21.78 ? 1627 TRP A CE2 1 
ATOM   125 C CE3 . TRP A 1 18 ? 4.810   0.989   7.712   1.00 21.04 ? 1627 TRP A CE3 1 
ATOM   126 C CZ2 . TRP A 1 18 ? 3.565   1.259   10.239  1.00 22.79 ? 1627 TRP A CZ2 1 
ATOM   127 C CZ3 . TRP A 1 18 ? 3.476   0.705   7.880   1.00 22.85 ? 1627 TRP A CZ3 1 
ATOM   128 C CH2 . TRP A 1 18 ? 2.868   0.814   9.133   1.00 24.91 ? 1627 TRP A CH2 1 
ATOM   129 N N   . CYS A 1 19 ? 8.837   0.449   5.087   1.00 26.22 ? 1628 CYS A N   1 
ATOM   130 C CA  A CYS A 1 19 ? 9.525   0.510   3.773   0.40 27.50 ? 1628 CYS A CA  1 
ATOM   131 C CA  B CYS A 1 19 ? 9.556   0.563   3.787   0.60 25.60 ? 1628 CYS A CA  1 
ATOM   132 C C   . CYS A 1 19 ? 8.706   1.406   2.836   1.00 26.62 ? 1628 CYS A C   1 
ATOM   133 O O   . CYS A 1 19 ? 7.448   1.313   2.847   1.00 24.29 ? 1628 CYS A O   1 
ATOM   134 C CB  A CYS A 1 19 ? 9.640   -0.903  3.217   0.40 29.07 ? 1628 CYS A CB  1 
ATOM   135 C CB  B CYS A 1 19 ? 9.839   -0.795  3.153   0.60 25.39 ? 1628 CYS A CB  1 
ATOM   136 S SG  A CYS A 1 19 ? 10.755  -1.065  1.803   0.40 34.29 ? 1628 CYS A SG  1 
ATOM   137 S SG  B CYS A 1 19 ? 10.675  -1.978  4.245   0.60 26.08 ? 1628 CYS A SG  1 
ATOM   138 N N   . SER A 1 20 ? 9.360   2.234   2.089   1.00 26.49 ? 1629 SER A N   1 
ATOM   139 C CA  . SER A 1 20 ? 8.731   3.107   1.071   1.00 28.64 ? 1629 SER A CA  1 
ATOM   140 C C   . SER A 1 20 ? 8.240   2.242   -0.081  1.00 25.13 ? 1629 SER A C   1 
ATOM   141 O O   . SER A 1 20 ? 8.893   1.257   -0.447  1.00 27.54 ? 1629 SER A O   1 
ATOM   142 C CB  . SER A 1 20 ? 9.704   4.183   0.642   1.00 33.11 ? 1629 SER A CB  1 
ATOM   143 O OG  . SER A 1 20 ? 9.600   5.238   1.582   1.00 39.00 ? 1629 SER A OG  1 
ATOM   144 N N   . TYR A 1 21 ? 7.044   2.524   -0.574  1.00 24.63 ? 1630 TYR A N   1 
ATOM   145 C CA  . TYR A 1 21 ? 6.633   1.979   -1.899  1.00 25.42 ? 1630 TYR A CA  1 
ATOM   146 C C   . TYR A 1 21 ? 7.546   2.598   -2.948  1.00 22.99 ? 1630 TYR A C   1 
ATOM   147 O O   . TYR A 1 21 ? 8.040   3.712   -2.707  1.00 26.73 ? 1630 TYR A O   1 
ATOM   148 C CB  . TYR A 1 21 ? 5.148   2.301   -2.144  1.00 24.12 ? 1630 TYR A CB  1 
ATOM   149 C CG  . TYR A 1 21 ? 4.201   1.397   -1.406  1.00 22.52 ? 1630 TYR A CG  1 
ATOM   150 C CD1 . TYR A 1 21 ? 3.903   0.137   -1.872  1.00 24.66 ? 1630 TYR A CD1 1 
ATOM   151 C CD2 . TYR A 1 21 ? 3.613   1.798   -0.233  1.00 24.43 ? 1630 TYR A CD2 1 
ATOM   152 C CE1 . TYR A 1 21 ? 3.016   -0.696  -1.197  1.00 23.25 ? 1630 TYR A CE1 1 
ATOM   153 C CE2 . TYR A 1 21 ? 2.702   1.008   0.443   1.00 24.26 ? 1630 TYR A CE2 1 
ATOM   154 C CZ  . TYR A 1 21 ? 2.429   -0.260  -0.025  1.00 23.64 ? 1630 TYR A CZ  1 
ATOM   155 O OH  . TYR A 1 21 ? 1.530   -1.014  0.643   1.00 23.74 ? 1630 TYR A OH  1 
ATOM   156 N N   . SER A 1 22 ? 7.720   1.959   -4.086  1.00 27.41 ? 1631 SER A N   1 
ATOM   157 C CA  . SER A 1 22 ? 8.357   2.595   -5.274  1.00 28.01 ? 1631 SER A CA  1 
ATOM   158 C C   . SER A 1 22 ? 7.632   3.904   -5.602  1.00 30.10 ? 1631 SER A C   1 
ATOM   159 O O   . SER A 1 22 ? 6.432   4.079   -5.194  1.00 29.16 ? 1631 SER A O   1 
ATOM   160 C CB  . SER A 1 22 ? 8.313   1.662   -6.440  1.00 32.20 ? 1631 SER A CB  1 
ATOM   161 O OG  . SER A 1 22 ? 6.964   1.425   -6.879  1.00 27.44 ? 1631 SER A OG  1 
ATOM   162 N N   . ALA A 1 23 ? 8.304   4.839   -6.282  1.00 31.26 ? 1632 ALA A N   1 
ATOM   163 C CA  . ALA A 1 23 ? 7.711   6.140   -6.663  1.00 29.36 ? 1632 ALA A CA  1 
ATOM   164 C C   . ALA A 1 23 ? 6.412   5.887   -7.454  1.00 28.76 ? 1632 ALA A C   1 
ATOM   165 O O   . ALA A 1 23 ? 5.418   6.613   -7.249  1.00 27.80 ? 1632 ALA A O   1 
ATOM   166 C CB  . ALA A 1 23 ? 8.700   6.972   -7.446  1.00 32.84 ? 1632 ALA A CB  1 
ATOM   167 N N   . SER A 1 24 ? 6.444   4.869   -8.295  1.00 27.32 ? 1633 SER A N   1 
ATOM   168 C CA  . SER A 1 24 ? 5.355   4.422   -9.176  1.00 29.43 ? 1633 SER A CA  1 
ATOM   169 C C   . SER A 1 24 ? 4.176   3.876   -8.356  1.00 26.23 ? 1633 SER A C   1 
ATOM   170 O O   . SER A 1 24 ? 3.045   4.335   -8.553  1.00 25.21 ? 1633 SER A O   1 
ATOM   171 C CB  . SER A 1 24 ? 5.876   3.389   -10.117 1.00 31.16 ? 1633 SER A CB  1 
ATOM   172 O OG  . SER A 1 24 ? 4.849   3.025   -10.998 1.00 35.97 ? 1633 SER A OG  1 
ATOM   173 N N   . ASN A 1 25 ? 4.411   2.923   -7.468  1.00 27.83 ? 1634 ASN A N   1 
ATOM   174 C CA  . ASN A 1 25 ? 3.301   2.387   -6.635  1.00 25.69 ? 1634 ASN A CA  1 
ATOM   175 C C   . ASN A 1 25 ? 2.811   3.459   -5.664  1.00 26.04 ? 1634 ASN A C   1 
ATOM   176 O O   . ASN A 1 25 ? 1.586   3.500   -5.429  1.00 25.63 ? 1634 ASN A O   1 
ATOM   177 C CB  . ASN A 1 25 ? 3.663   1.083   -5.963  1.00 29.32 ? 1634 ASN A CB  1 
ATOM   178 C CG  . ASN A 1 25 ? 3.727   -0.057  -6.943  1.00 35.40 ? 1634 ASN A CG  1 
ATOM   179 O OD1 . ASN A 1 25 ? 3.025   -0.017  -7.955  1.00 32.61 ? 1634 ASN A OD1 1 
ATOM   180 N ND2 . ASN A 1 25 ? 4.531   -1.072  -6.630  1.00 31.55 ? 1634 ASN A ND2 1 
ATOM   181 N N   . ASN A 1 26 ? 3.693   4.269   -5.085  1.00 23.01 ? 1635 ASN A N   1 
ATOM   182 C CA  . ASN A 1 26 ? 3.289   5.377   -4.211  1.00 24.48 ? 1635 ASN A CA  1 
ATOM   183 C C   . ASN A 1 26 ? 2.318   6.298   -4.987  1.00 29.51 ? 1635 ASN A C   1 
ATOM   184 O O   . ASN A 1 26 ? 1.304   6.753   -4.422  1.00 25.17 ? 1635 ASN A O   1 
ATOM   185 C CB  . ASN A 1 26 ? 4.516   6.154   -3.729  1.00 26.78 ? 1635 ASN A CB  1 
ATOM   186 C CG  . ASN A 1 26 ? 4.144   7.164   -2.689  1.00 25.07 ? 1635 ASN A CG  1 
ATOM   187 O OD1 . ASN A 1 26 ? 3.769   6.791   -1.586  1.00 28.70 ? 1635 ASN A OD1 1 
ATOM   188 N ND2 . ASN A 1 26 ? 4.167   8.432   -3.043  1.00 27.71 ? 1635 ASN A ND2 1 
ATOM   189 N N   . SER A 1 27 ? 2.619   6.593   -6.254  1.00 30.05 ? 1636 SER A N   1 
ATOM   190 C CA  . SER A 1 27 ? 1.809   7.496   -7.110  1.00 28.17 ? 1636 SER A CA  1 
ATOM   191 C C   . SER A 1 27 ? 0.426   6.858   -7.290  1.00 23.33 ? 1636 SER A C   1 
ATOM   192 O O   . SER A 1 27 ? -0.555  7.539   -7.085  1.00 24.57 ? 1636 SER A O   1 
ATOM   193 C CB  . SER A 1 27 ? 2.528   7.752   -8.431  1.00 29.70 ? 1636 SER A CB  1 
ATOM   194 O OG  . SER A 1 27 ? 1.735   8.543   -9.288  1.00 28.24 ? 1636 SER A OG  1 
ATOM   195 N N   . THR A 1 28 ? 0.355   5.581   -7.618  1.00 23.72 ? 1637 THR A N   1 
ATOM   196 C CA  . THR A 1 28 ? -0.922  4.845   -7.772  1.00 25.01 ? 1637 THR A CA  1 
ATOM   197 C C   . THR A 1 28 ? -1.731  4.975   -6.471  1.00 26.16 ? 1637 THR A C   1 
ATOM   198 O O   . THR A 1 28 ? -2.956  5.286   -6.513  1.00 22.76 ? 1637 THR A O   1 
ATOM   199 C CB  . THR A 1 28 ? -0.681  3.397   -8.176  1.00 26.75 ? 1637 THR A CB  1 
ATOM   200 O OG1 . THR A 1 28 ? -0.063  3.432   -9.461  1.00 27.87 ? 1637 THR A OG1 1 
ATOM   201 C CG2 . THR A 1 28 ? -1.948  2.569   -8.212  1.00 26.49 ? 1637 THR A CG2 1 
ATOM   202 N N   . ILE A 1 29 ? -1.103  4.691   -5.331  1.00 23.38 ? 1638 ILE A N   1 
ATOM   203 C CA  . ILE A 1 29 ? -1.831  4.596   -4.039  1.00 22.22 ? 1638 ILE A CA  1 
ATOM   204 C C   . ILE A 1 29 ? -2.308  6.001   -3.698  1.00 21.47 ? 1638 ILE A C   1 
ATOM   205 O O   . ILE A 1 29 ? -3.491  6.181   -3.356  1.00 24.96 ? 1638 ILE A O   1 
ATOM   206 C CB  . ILE A 1 29 ? -0.926  3.970   -2.945  1.00 23.53 ? 1638 ILE A CB  1 
ATOM   207 C CG1 . ILE A 1 29 ? -0.630  2.511   -3.291  1.00 22.66 ? 1638 ILE A CG1 1 
ATOM   208 C CG2 . ILE A 1 29 ? -1.581  4.131   -1.577  1.00 24.92 ? 1638 ILE A CG2 1 
ATOM   209 C CD1 . ILE A 1 29 ? 0.524   1.930   -2.567  1.00 25.40 ? 1638 ILE A CD1 1 
ATOM   210 N N   . ASP A 1 30 ? -1.416  6.976   -3.788  1.00 22.41 ? 1639 ASP A N   1 
ATOM   211 C CA  . ASP A 1 30 ? -1.706  8.346   -3.263  1.00 24.89 ? 1639 ASP A CA  1 
ATOM   212 C C   . ASP A 1 30 ? -2.768  9.015   -4.155  1.00 26.45 ? 1639 ASP A C   1 
ATOM   213 O O   . ASP A 1 30 ? -3.618  9.800   -3.625  1.00 24.73 ? 1639 ASP A O   1 
ATOM   214 C CB  . ASP A 1 30 ? -0.467  9.238   -3.171  1.00 22.23 ? 1639 ASP A CB  1 
ATOM   215 C CG  . ASP A 1 30 ? -0.658  10.421  -2.230  1.00 25.23 ? 1639 ASP A CG  1 
ATOM   216 O OD1 . ASP A 1 30 ? -1.154  10.216  -1.110  1.00 28.27 ? 1639 ASP A OD1 1 
ATOM   217 O OD2 . ASP A 1 30 ? -0.279  11.537  -2.600  1.00 30.60 ? 1639 ASP A OD2 1 
ATOM   218 N N   . SER A 1 31 ? -2.758  8.734   -5.460  1.00 24.64 ? 1640 SER A N   1 
ATOM   219 C CA  . SER A 1 31 ? -3.770  9.337   -6.370  1.00 25.47 ? 1640 SER A CA  1 
ATOM   220 C C   . SER A 1 31 ? -5.156  8.793   -5.973  1.00 24.10 ? 1640 SER A C   1 
ATOM   221 O O   . SER A 1 31 ? -6.106  9.540   -5.888  1.00 26.87 ? 1640 SER A O   1 
ATOM   222 C CB  . SER A 1 31 ? -3.403  9.110   -7.841  1.00 27.93 ? 1640 SER A CB  1 
ATOM   223 O OG  . SER A 1 31 ? -3.308  7.723   -8.179  1.00 33.25 ? 1640 SER A OG  1 
ATOM   224 N N   . ALA A 1 32 ? -5.283  7.505   -5.693  1.00 25.83 ? 1641 ALA A N   1 
ATOM   225 C CA  . ALA A 1 32 ? -6.563  6.917   -5.266  1.00 26.62 ? 1641 ALA A CA  1 
ATOM   226 C C   . ALA A 1 32 ? -7.010  7.579   -3.954  1.00 31.83 ? 1641 ALA A C   1 
ATOM   227 O O   . ALA A 1 32 ? -8.170  8.019   -3.830  1.00 30.16 ? 1641 ALA A O   1 
ATOM   228 C CB  . ALA A 1 32 ? -6.395  5.432   -5.152  1.00 27.06 ? 1641 ALA A CB  1 
ATOM   229 N N   . TRP A 1 33 ? -6.108  7.699   -2.990  1.00 29.81 ? 1642 TRP A N   1 
ATOM   230 C CA  . TRP A 1 33 ? -6.404  8.349   -1.694  1.00 31.08 ? 1642 TRP A CA  1 
ATOM   231 C C   . TRP A 1 33 ? -6.932  9.768   -1.910  1.00 27.99 ? 1642 TRP A C   1 
ATOM   232 O O   . TRP A 1 33 ? -7.950  10.108  -1.363  1.00 31.28 ? 1642 TRP A O   1 
ATOM   233 C CB  . TRP A 1 33 ? -5.141  8.374   -0.832  1.00 30.39 ? 1642 TRP A CB  1 
ATOM   234 C CG  . TRP A 1 33 ? -5.190  9.335   0.308   1.00 31.90 ? 1642 TRP A CG  1 
ATOM   235 C CD1 . TRP A 1 33 ? -4.662  10.595  0.361   1.00 31.87 ? 1642 TRP A CD1 1 
ATOM   236 C CD2 . TRP A 1 33 ? -5.763  9.085   1.582   1.00 32.22 ? 1642 TRP A CD2 1 
ATOM   237 N NE1 . TRP A 1 33 ? -4.885  11.159  1.578   1.00 37.88 ? 1642 TRP A NE1 1 
ATOM   238 C CE2 . TRP A 1 33 ? -5.554  10.250  2.355   1.00 34.41 ? 1642 TRP A CE2 1 
ATOM   239 C CE3 . TRP A 1 33 ? -6.395  7.979   2.150   1.00 33.79 ? 1642 TRP A CE3 1 
ATOM   240 C CZ2 . TRP A 1 33 ? -5.949  10.342  3.683   1.00 37.50 ? 1642 TRP A CZ2 1 
ATOM   241 C CZ3 . TRP A 1 33 ? -6.762  8.058   3.475   1.00 39.00 ? 1642 TRP A CZ3 1 
ATOM   242 C CH2 . TRP A 1 33 ? -6.550  9.223   4.223   1.00 43.01 ? 1642 TRP A CH2 1 
ATOM   243 N N   . LYS A 1 34 ? -6.194  10.589  -2.621  1.00 29.23 ? 1643 LYS A N   1 
ATOM   244 C CA  . LYS A 1 34 ? -6.564  12.013  -2.850  1.00 33.49 ? 1643 LYS A CA  1 
ATOM   245 C C   . LYS A 1 34 ? -7.887  12.123  -3.622  1.00 36.20 ? 1643 LYS A C   1 
ATOM   246 O O   . LYS A 1 34 ? -8.549  13.146  -3.481  1.00 35.14 ? 1643 LYS A O   1 
ATOM   247 C CB  . LYS A 1 34 ? -5.513  12.709  -3.708  1.00 33.89 ? 1643 LYS A CB  1 
ATOM   248 C CG  . LYS A 1 34 ? -4.284  13.140  -2.940  1.00 40.60 ? 1643 LYS A CG  1 
ATOM   249 C CD  . LYS A 1 34 ? -3.266  13.817  -3.800  1.00 41.76 ? 1643 LYS A CD  1 
ATOM   250 C CE  . LYS A 1 34 ? -2.140  14.335  -2.944  1.00 48.37 ? 1643 LYS A CE  1 
ATOM   251 N NZ  . LYS A 1 34 ? -1.015  14.790  -3.786  1.00 60.38 ? 1643 LYS A NZ  1 
ATOM   252 N N   . SER A 1 35 ? -8.214  11.144  -4.461  1.00 35.16 ? 1644 SER A N   1 
ATOM   253 C CA  . SER A 1 35 ? -9.437  11.176  -5.311  1.00 34.78 ? 1644 SER A CA  1 
ATOM   254 C C   . SER A 1 35 ? -10.641 10.687  -4.503  1.00 37.80 ? 1644 SER A C   1 
ATOM   255 O O   . SER A 1 35 ? -11.702 10.647  -5.081  1.00 37.98 ? 1644 SER A O   1 
ATOM   256 C CB  . SER A 1 35 ? -9.228  10.400  -6.586  1.00 30.85 ? 1644 SER A CB  1 
ATOM   257 O OG  . SER A 1 35 ? -9.328  9.009   -6.354  1.00 35.16 ? 1644 SER A OG  1 
ATOM   258 N N   . GLY A 1 36 ? -10.482 10.322  -3.215  1.00 35.28 ? 1645 GLY A N   1 
ATOM   259 C CA  . GLY A 1 36 ? -11.614 9.934   -2.351  1.00 31.71 ? 1645 GLY A CA  1 
ATOM   260 C C   . GLY A 1 36 ? -11.956 8.467   -2.406  1.00 32.69 ? 1645 GLY A C   1 
ATOM   261 O O   . GLY A 1 36 ? -12.898 8.089   -1.745  1.00 34.91 ? 1645 GLY A O   1 
ATOM   262 N N   . GLU A 1 37 ? -11.251 7.626   -3.148  1.00 27.78 ? 1646 GLU A N   1 
ATOM   263 C CA  . GLU A 1 37 ? -11.564 6.180   -3.164  1.00 30.74 ? 1646 GLU A CA  1 
ATOM   264 C C   . GLU A 1 37 ? -11.328 5.590   -1.761  1.00 32.72 ? 1646 GLU A C   1 
ATOM   265 O O   . GLU A 1 37 ? -10.479 6.130   -1.041  1.00 27.64 ? 1646 GLU A O   1 
ATOM   266 C CB  . GLU A 1 37 ? -10.638 5.402   -4.113  1.00 35.50 ? 1646 GLU A CB  1 
ATOM   267 C CG  . GLU A 1 37 ? -10.655 5.844   -5.561  1.00 41.65 ? 1646 GLU A CG  1 
ATOM   268 C CD  . GLU A 1 37 ? -11.910 5.411   -6.300  1.00 49.65 ? 1646 GLU A CD  1 
ATOM   269 O OE1 . GLU A 1 37 ? -12.378 4.286   -6.065  1.00 48.92 ? 1646 GLU A OE1 1 
ATOM   270 O OE2 . GLU A 1 37 ? -12.420 6.219   -7.089  1.00 56.16 ? 1646 GLU A OE2 1 
ATOM   271 N N   . THR A 1 38 ? -11.933 4.444   -1.434  1.00 28.47 ? 1647 THR A N   1 
ATOM   272 C CA  . THR A 1 38 ? -11.724 3.781   -0.123  1.00 32.78 ? 1647 THR A CA  1 
ATOM   273 C C   . THR A 1 38 ? -10.697 2.645   -0.249  1.00 28.85 ? 1647 THR A C   1 
ATOM   274 O O   . THR A 1 38 ? -10.322 2.130   0.757   1.00 27.24 ? 1647 THR A O   1 
ATOM   275 C CB  . THR A 1 38 ? -13.062 3.295   0.465   1.00 35.57 ? 1647 THR A CB  1 
ATOM   276 O OG1 . THR A 1 38 ? -13.599 2.368   -0.467  1.00 30.99 ? 1647 THR A OG1 1 
ATOM   277 C CG2 . THR A 1 38 ? -14.040 4.427   0.675   1.00 37.77 ? 1647 THR A CG2 1 
ATOM   278 N N   . SER A 1 39 ? -10.273 2.259   -1.443  1.00 26.48 ? 1648 SER A N   1 
ATOM   279 C CA  . SER A 1 39 ? -9.247  1.216   -1.628  1.00 28.85 ? 1648 SER A CA  1 
ATOM   280 C C   . SER A 1 39 ? -8.615  1.421   -3.005  1.00 28.91 ? 1648 SER A C   1 
ATOM   281 O O   . SER A 1 39 ? -9.101  2.257   -3.768  1.00 28.88 ? 1648 SER A O   1 
ATOM   282 C CB  . SER A 1 39 ? -9.816  -0.164  -1.475  1.00 29.04 ? 1648 SER A CB  1 
ATOM   283 O OG  . SER A 1 39 ? -10.665 -0.421  -2.557  1.00 29.15 ? 1648 SER A OG  1 
ATOM   284 N N   . VAL A 1 40 ? -7.506  0.762   -3.250  1.00 28.43 ? 1649 VAL A N   1 
ATOM   285 C CA  . VAL A 1 40 ? -6.803  0.906   -4.555  1.00 28.54 ? 1649 VAL A CA  1 
ATOM   286 C C   . VAL A 1 40 ? -6.067  -0.402  -4.832  1.00 28.81 ? 1649 VAL A C   1 
ATOM   287 O O   . VAL A 1 40 ? -5.525  -0.993  -3.898  1.00 29.39 ? 1649 VAL A O   1 
ATOM   288 C CB  . VAL A 1 40 ? -5.869  2.124   -4.544  1.00 28.74 ? 1649 VAL A CB  1 
ATOM   289 C CG1 . VAL A 1 40 ? -4.862  2.032   -3.408  1.00 28.10 ? 1649 VAL A CG1 1 
ATOM   290 C CG2 . VAL A 1 40 ? -5.172  2.270   -5.878  1.00 30.30 ? 1649 VAL A CG2 1 
ATOM   291 N N   . ARG A 1 41 ? -6.058  -0.831  -6.087  1.00 28.82 ? 1650 ARG A N   1 
ATOM   292 C CA  . ARG A 1 41 ? -5.376  -2.059  -6.552  1.00 32.72 ? 1650 ARG A CA  1 
ATOM   293 C C   . ARG A 1 41 ? -4.073  -1.662  -7.228  1.00 27.91 ? 1650 ARG A C   1 
ATOM   294 O O   . ARG A 1 41 ? -4.023  -0.620  -7.854  1.00 33.76 ? 1650 ARG A O   1 
ATOM   295 C CB  . ARG A 1 41 ? -6.295  -2.831  -7.504  1.00 35.88 ? 1650 ARG A CB  1 
ATOM   296 C CG  . ARG A 1 41 ? -7.604  -3.245  -6.854  1.00 43.81 ? 1650 ARG A CG  1 
ATOM   297 C CD  . ARG A 1 41 ? -8.425  -4.196  -7.726  1.00 48.45 ? 1650 ARG A CD  1 
ATOM   298 N NE  . ARG A 1 41 ? -7.717  -5.429  -8.071  1.00 47.52 ? 1650 ARG A NE  1 
ATOM   299 C CZ  . ARG A 1 41 ? -8.037  -6.216  -9.095  1.00 53.01 ? 1650 ARG A CZ  1 
ATOM   300 N NH1 . ARG A 1 41 ? -9.032  -5.881  -9.894  1.00 54.09 ? 1650 ARG A NH1 1 
ATOM   301 N NH2 . ARG A 1 41 ? -7.334  -7.304  -9.353  1.00 53.40 ? 1650 ARG A NH2 1 
ATOM   302 N N   . PHE A 1 42 ? -3.040  -2.453  -7.050  1.00 30.00 ? 1651 PHE A N   1 
ATOM   303 C CA  . PHE A 1 42 ? -1.749  -2.229  -7.734  1.00 31.65 ? 1651 PHE A CA  1 
ATOM   304 C C   . PHE A 1 42 ? -1.142  -3.612  -7.892  1.00 32.80 ? 1651 PHE A C   1 
ATOM   305 O O   . PHE A 1 42 ? -1.588  -4.572  -7.200  1.00 29.71 ? 1651 PHE A O   1 
ATOM   306 C CB  . PHE A 1 42 ? -0.891  -1.193  -6.981  1.00 31.00 ? 1651 PHE A CB  1 
ATOM   307 C CG  . PHE A 1 42 ? -0.192  -1.707  -5.742  1.00 29.65 ? 1651 PHE A CG  1 
ATOM   308 C CD1 . PHE A 1 42 ? 1.037   -2.338  -5.835  1.00 31.71 ? 1651 PHE A CD1 1 
ATOM   309 C CD2 . PHE A 1 42 ? -0.785  -1.615  -4.500  1.00 30.14 ? 1651 PHE A CD2 1 
ATOM   310 C CE1 . PHE A 1 42 ? 1.648   -2.863  -4.714  1.00 33.29 ? 1651 PHE A CE1 1 
ATOM   311 C CE2 . PHE A 1 42 ? -0.160  -2.126  -3.372  1.00 30.88 ? 1651 PHE A CE2 1 
ATOM   312 C CZ  . PHE A 1 42 ? 1.054   -2.750  -3.484  1.00 29.41 ? 1651 PHE A CZ  1 
ATOM   313 N N   . THR A 1 43 ? -0.155  -3.715  -8.766  1.00 33.27 ? 1652 THR A N   1 
ATOM   314 C CA  . THR A 1 43 ? 0.591   -4.966  -9.035  1.00 36.79 ? 1652 THR A CA  1 
ATOM   315 C C   . THR A 1 43 ? 2.075   -4.682  -8.764  1.00 35.67 ? 1652 THR A C   1 
ATOM   316 O O   . THR A 1 43 ? 2.509   -3.540  -8.897  1.00 39.21 ? 1652 THR A O   1 
ATOM   317 C CB  . THR A 1 43 ? 0.339   -5.463  -10.472 1.00 38.58 ? 1652 THR A CB  1 
ATOM   318 O OG1 . THR A 1 43 ? 0.943   -4.473  -11.297 1.00 41.88 ? 1652 THR A OG1 1 
ATOM   319 C CG2 . THR A 1 43 ? -1.115  -5.559  -10.851 1.00 31.14 ? 1652 THR A CG2 1 
ATOM   320 N N   . ALA A 1 44 ? 2.788   -5.665  -8.267  1.00 36.02 ? 1653 ALA A N   1 
ATOM   321 C CA  . ALA A 1 44 ? 4.240   -5.588  -8.021  1.00 39.74 ? 1653 ALA A CA  1 
ATOM   322 C C   . ALA A 1 44 ? 4.737   -6.992  -8.282  1.00 43.51 ? 1653 ALA A C   1 
ATOM   323 O O   . ALA A 1 44 ? 4.162   -7.933  -7.671  1.00 43.75 ? 1653 ALA A O   1 
ATOM   324 C CB  . ALA A 1 44 ? 4.551   -5.140  -6.606  1.00 41.06 ? 1653 ALA A CB  1 
ATOM   325 N N   . GLY A 1 45 ? 5.664   -7.132  -9.230  1.00 48.58 ? 1654 GLY A N   1 
ATOM   326 C CA  . GLY A 1 45 ? 6.177   -8.439  -9.667  1.00 44.74 ? 1654 GLY A CA  1 
ATOM   327 C C   . GLY A 1 45 ? 5.053   -9.335  -10.138 1.00 45.51 ? 1654 GLY A C   1 
ATOM   328 O O   . GLY A 1 45 ? 5.034   -10.496 -9.724  1.00 51.71 ? 1654 GLY A O   1 
ATOM   329 N N   . ARG A 1 46 ? 4.116   -8.818  -10.937 1.00 41.25 ? 1655 ARG A N   1 
ATOM   330 C CA  . ARG A 1 46 ? 3.026   -9.665  -11.484 1.00 48.26 ? 1655 ARG A CA  1 
ATOM   331 C C   . ARG A 1 46 ? 2.038   -10.154 -10.397 1.00 57.47 ? 1655 ARG A C   1 
ATOM   332 O O   . ARG A 1 46 ? 1.110   -10.929 -10.769 1.00 54.17 ? 1655 ARG A O   1 
ATOM   333 C CB  . ARG A 1 46 ? 3.664   -10.870 -12.188 1.00 51.79 ? 1655 ARG A CB  1 
ATOM   334 N N   . ARG A 1 47 ? 2.164   -9.733  -9.121  1.00 52.92 ? 1656 ARG A N   1 
ATOM   335 C CA  . ARG A 1 47 ? 1.194   -10.087 -8.030  1.00 47.06 ? 1656 ARG A CA  1 
ATOM   336 C C   . ARG A 1 47 ? 0.269   -8.879  -7.767  1.00 40.64 ? 1656 ARG A C   1 
ATOM   337 O O   . ARG A 1 47 ? 0.674   -7.689  -8.005  1.00 34.59 ? 1656 ARG A O   1 
ATOM   338 C CB  . ARG A 1 47 ? 1.924   -10.618 -6.786  1.00 46.84 ? 1656 ARG A CB  1 
ATOM   339 C CG  . ARG A 1 47 ? 2.613   -11.969 -6.983  1.00 52.62 ? 1656 ARG A CG  1 
ATOM   340 C CD  . ARG A 1 47 ? 3.436   -12.492 -5.800  1.00 48.03 ? 1656 ARG A CD  1 
ATOM   341 N N   . ARG A 1 48 ? -0.971  -9.163  -7.358  1.00 35.08 ? 1657 ARG A N   1 
ATOM   342 C CA  . ARG A 1 48 ? -2.053  -8.156  -7.227  1.00 36.22 ? 1657 ARG A CA  1 
ATOM   343 C C   . ARG A 1 48 ? -2.284  -7.876  -5.718  1.00 30.97 ? 1657 ARG A C   1 
ATOM   344 O O   . ARG A 1 48 ? -2.394  -8.849  -4.884  1.00 26.98 ? 1657 ARG A O   1 
ATOM   345 C CB  . ARG A 1 48 ? -3.305  -8.640  -7.979  1.00 40.40 ? 1657 ARG A CB  1 
ATOM   346 C CG  . ARG A 1 48 ? -3.412  -8.239  -9.453  1.00 47.57 ? 1657 ARG A CG  1 
ATOM   347 C CD  . ARG A 1 48 ? -4.492  -8.993  -10.273 1.00 48.22 ? 1657 ARG A CD  1 
ATOM   348 N N   . TYR A 1 49 ? -2.382  -6.595  -5.377  1.00 26.56 ? 1658 TYR A N   1 
ATOM   349 C CA  . TYR A 1 49 ? -2.562  -6.133  -3.977  1.00 29.62 ? 1658 TYR A CA  1 
ATOM   350 C C   . TYR A 1 49 ? -3.655  -5.074  -3.981  1.00 28.52 ? 1658 TYR A C   1 
ATOM   351 O O   . TYR A 1 49 ? -3.788  -4.322  -4.962  1.00 25.43 ? 1658 TYR A O   1 
ATOM   352 C CB  . TYR A 1 49 ? -1.269  -5.585  -3.356  1.00 27.01 ? 1658 TYR A CB  1 
ATOM   353 C CG  . TYR A 1 49 ? -0.116  -6.543  -3.376  1.00 26.33 ? 1658 TYR A CG  1 
ATOM   354 C CD1 . TYR A 1 49 ? 0.760   -6.581  -4.456  1.00 26.47 ? 1658 TYR A CD1 1 
ATOM   355 C CD2 . TYR A 1 49 ? 0.101   -7.406  -2.317  1.00 26.76 ? 1658 TYR A CD2 1 
ATOM   356 C CE1 . TYR A 1 49 ? 1.799   -7.486  -4.487  1.00 27.95 ? 1658 TYR A CE1 1 
ATOM   357 C CE2 . TYR A 1 49 ? 1.134   -8.305  -2.327  1.00 26.94 ? 1658 TYR A CE2 1 
ATOM   358 C CZ  . TYR A 1 49 ? 1.977   -8.348  -3.425  1.00 27.90 ? 1658 TYR A CZ  1 
ATOM   359 O OH  . TYR A 1 49 ? 2.974   -9.258  -3.398  1.00 29.92 ? 1658 TYR A OH  1 
ATOM   360 N N   . THR A 1 50 ? -4.466  -5.084  -2.924  1.00 25.78 ? 1659 THR A N   1 
ATOM   361 C CA  . THR A 1 50 ? -5.386  -3.979  -2.610  1.00 25.59 ? 1659 THR A CA  1 
ATOM   362 C C   . THR A 1 50 ? -4.947  -3.317  -1.289  1.00 24.39 ? 1659 THR A C   1 
ATOM   363 O O   . THR A 1 50 ? -4.901  -4.000  -0.268  1.00 28.60 ? 1659 THR A O   1 
ATOM   364 C CB  . THR A 1 50 ? -6.829  -4.493  -2.548  1.00 25.23 ? 1659 THR A CB  1 
ATOM   365 O OG1 . THR A 1 50 ? -7.096  -5.038  -3.826  1.00 29.12 ? 1659 THR A OG1 1 
ATOM   366 C CG2 . THR A 1 50 ? -7.811  -3.381  -2.286  1.00 28.56 ? 1659 THR A CG2 1 
ATOM   367 N N   . VAL A 1 51 ? -4.729  -2.011  -1.321  1.00 24.09 ? 1660 VAL A N   1 
ATOM   368 C CA  . VAL A 1 51 ? -4.630  -1.172  -0.118  1.00 23.74 ? 1660 VAL A CA  1 
ATOM   369 C C   . VAL A 1 51 ? -6.048  -0.764  0.258   1.00 24.82 ? 1660 VAL A C   1 
ATOM   370 O O   . VAL A 1 51 ? -6.680  -0.012  -0.485  1.00 25.81 ? 1660 VAL A O   1 
ATOM   371 C CB  . VAL A 1 51 ? -3.690  0.035   -0.311  1.00 25.56 ? 1660 VAL A CB  1 
ATOM   372 C CG1 . VAL A 1 51 ? -3.611  0.895   0.939   1.00 24.39 ? 1660 VAL A CG1 1 
ATOM   373 C CG2 . VAL A 1 51 ? -2.307  -0.426  -0.723  1.00 26.50 ? 1660 VAL A CG2 1 
ATOM   374 N N   . GLN A 1 52 ? -6.449  -1.148  1.453   1.00 23.24 ? 1661 GLN A N   1 
ATOM   375 C CA  . GLN A 1 52 ? -7.718  -0.743  2.099   1.00 24.55 ? 1661 GLN A CA  1 
ATOM   376 C C   . GLN A 1 52 ? -7.449  0.503   2.957   1.00 25.86 ? 1661 GLN A C   1 
ATOM   377 O O   . GLN A 1 52 ? -6.810  0.385   3.989   1.00 25.60 ? 1661 GLN A O   1 
ATOM   378 C CB  . GLN A 1 52 ? -8.262  -1.927  2.900   1.00 24.83 ? 1661 GLN A CB  1 
ATOM   379 C CG  . GLN A 1 52 ? -8.585  -3.141  2.034   1.00 30.80 ? 1661 GLN A CG  1 
ATOM   380 C CD  . GLN A 1 52 ? -9.861  -2.982  1.226   1.00 38.95 ? 1661 GLN A CD  1 
ATOM   381 O OE1 . GLN A 1 52 ? -10.511 -1.932  1.231   1.00 35.85 ? 1661 GLN A OE1 1 
ATOM   382 N NE2 . GLN A 1 52 ? -10.266 -4.051  0.556   1.00 37.66 ? 1661 GLN A NE2 1 
ATOM   383 N N   . PHE A 1 53 ? -7.957  1.665   2.572   1.00 22.55 ? 1662 PHE A N   1 
ATOM   384 C CA  . PHE A 1 53 ? -7.728  2.912   3.326   1.00 24.64 ? 1662 PHE A CA  1 
ATOM   385 C C   . PHE A 1 53 ? -8.495  2.922   4.647   1.00 26.02 ? 1662 PHE A C   1 
ATOM   386 O O   . PHE A 1 53 ? -7.999  3.526   5.586   1.00 30.10 ? 1662 PHE A O   1 
ATOM   387 C CB  . PHE A 1 53 ? -8.029  4.146   2.493   1.00 24.53 ? 1662 PHE A CB  1 
ATOM   388 C CG  . PHE A 1 53 ? -7.161  4.288   1.273   1.00 24.57 ? 1662 PHE A CG  1 
ATOM   389 C CD1 . PHE A 1 53 ? -5.779  4.225   1.366   1.00 25.56 ? 1662 PHE A CD1 1 
ATOM   390 C CD2 . PHE A 1 53 ? -7.732  4.536   0.020   1.00 26.34 ? 1662 PHE A CD2 1 
ATOM   391 C CE1 . PHE A 1 53 ? -4.985  4.383   0.225   1.00 27.46 ? 1662 PHE A CE1 1 
ATOM   392 C CE2 . PHE A 1 53 ? -6.945  4.675   -1.119  1.00 28.15 ? 1662 PHE A CE2 1 
ATOM   393 C CZ  . PHE A 1 53 ? -5.563  4.589   -1.013  1.00 28.04 ? 1662 PHE A CZ  1 
ATOM   394 N N   . THR A 1 54 ? -9.584  2.178   4.754   1.00 28.83 ? 1663 THR A N   1 
ATOM   395 C CA  . THR A 1 54 ? -10.482 2.237   5.926   1.00 30.69 ? 1663 THR A CA  1 
ATOM   396 C C   . THR A 1 54 ? -9.806  1.464   7.058   1.00 26.63 ? 1663 THR A C   1 
ATOM   397 O O   . THR A 1 54 ? -9.948  1.900   8.167   1.00 28.64 ? 1663 THR A O   1 
ATOM   398 C CB  . THR A 1 54 ? -11.899 1.727   5.600   1.00 32.22 ? 1663 THR A CB  1 
ATOM   399 O OG1 . THR A 1 54 ? -11.731 0.452   5.011   1.00 32.64 ? 1663 THR A OG1 1 
ATOM   400 C CG2 . THR A 1 54 ? -12.641 2.599   4.618   1.00 36.53 ? 1663 THR A CG2 1 
ATOM   401 N N   . THR A 1 55 ? -9.084  0.387   6.764   1.00 25.32 ? 1664 THR A N   1 
ATOM   402 C CA  . THR A 1 55 ? -8.335  -0.451  7.743   1.00 23.77 ? 1664 THR A CA  1 
ATOM   403 C C   . THR A 1 55 ? -6.820  -0.158  7.704   1.00 23.90 ? 1664 THR A C   1 
ATOM   404 O O   . THR A 1 55 ? -6.124  -0.641  8.596   1.00 21.74 ? 1664 THR A O   1 
ATOM   405 C CB  . THR A 1 55 ? -8.614  -1.936  7.472   1.00 25.81 ? 1664 THR A CB  1 
ATOM   406 O OG1 . THR A 1 55 ? -8.222  -2.163  6.116   1.00 24.21 ? 1664 THR A OG1 1 
ATOM   407 C CG2 . THR A 1 55 ? -10.073 -2.280  7.699   1.00 26.93 ? 1664 THR A CG2 1 
ATOM   408 N N   . MET A 1 56 ? -6.323  0.603   6.723   1.00 22.59 ? 1665 MET A N   1 
ATOM   409 C CA  . MET A 1 56 ? -4.887  0.917   6.538   1.00 23.66 ? 1665 MET A CA  1 
ATOM   410 C C   . MET A 1 56 ? -4.057  -0.375  6.504   1.00 25.29 ? 1665 MET A C   1 
ATOM   411 O O   . MET A 1 56 ? -3.086  -0.552  7.289   1.00 23.27 ? 1665 MET A O   1 
ATOM   412 C CB  . MET A 1 56 ? -4.410  1.877   7.630   1.00 22.70 ? 1665 MET A CB  1 
ATOM   413 C CG  . MET A 1 56 ? -5.010  3.254   7.464   1.00 23.13 ? 1665 MET A CG  1 
ATOM   414 S SD  . MET A 1 56 ? -4.578  4.102   5.894   1.00 25.63 ? 1665 MET A SD  1 
ATOM   415 C CE  . MET A 1 56 ? -2.978  4.775   6.334   1.00 29.10 ? 1665 MET A CE  1 
ATOM   416 N N   . VAL A 1 57 ? -4.462  -1.283  5.618   1.00 22.62 ? 1666 VAL A N   1 
ATOM   417 C CA  . VAL A 1 57 ? -3.802  -2.596  5.412   1.00 23.76 ? 1666 VAL A CA  1 
ATOM   418 C C   . VAL A 1 57 ? -3.695  -2.840  3.907   1.00 24.35 ? 1666 VAL A C   1 
ATOM   419 O O   . VAL A 1 57 ? -4.617  -2.513  3.187   1.00 26.12 ? 1666 VAL A O   1 
ATOM   420 C CB  . VAL A 1 57 ? -4.557  -3.734  6.125   1.00 28.66 ? 1666 VAL A CB  1 
ATOM   421 C CG1 . VAL A 1 57 ? -4.118  -5.114  5.675   1.00 34.25 ? 1666 VAL A CG1 1 
ATOM   422 C CG2 . VAL A 1 57 ? -4.362  -3.659  7.634   1.00 29.76 ? 1666 VAL A CG2 1 
ATOM   423 N N   . GLN A 1 58 ? -2.585  -3.404  3.482   1.00 23.24 ? 1667 GLN A N   1 
ATOM   424 C CA  . GLN A 1 58 ? -2.376  -3.961  2.137   1.00 23.50 ? 1667 GLN A CA  1 
ATOM   425 C C   . GLN A 1 58 ? -2.759  -5.432  2.178   1.00 24.86 ? 1667 GLN A C   1 
ATOM   426 O O   . GLN A 1 58 ? -2.264  -6.200  3.045   1.00 23.02 ? 1667 GLN A O   1 
ATOM   427 C CB  . GLN A 1 58 ? -0.927  -3.822  1.705   1.00 23.65 ? 1667 GLN A CB  1 
ATOM   428 C CG  . GLN A 1 58 ? -0.626  -4.514  0.384   1.00 24.72 ? 1667 GLN A CG  1 
ATOM   429 C CD  . GLN A 1 58 ? 0.863   -4.554  0.139   1.00 25.57 ? 1667 GLN A CD  1 
ATOM   430 O OE1 . GLN A 1 58 ? 1.458   -3.532  -0.238  1.00 28.74 ? 1667 GLN A OE1 1 
ATOM   431 N NE2 . GLN A 1 58 ? 1.475   -5.694  0.435   1.00 25.96 ? 1667 GLN A NE2 1 
ATOM   432 N N   . VAL A 1 59 ? -3.642  -5.827  1.275   1.00 25.79 ? 1668 VAL A N   1 
ATOM   433 C CA  . VAL A 1 59 ? -4.105  -7.236  1.228   1.00 24.19 ? 1668 VAL A CA  1 
ATOM   434 C C   . VAL A 1 59 ? -3.602  -7.858  -0.080  1.00 27.27 ? 1668 VAL A C   1 
ATOM   435 O O   . VAL A 1 59 ? -3.863  -7.262  -1.167  1.00 25.04 ? 1668 VAL A O   1 
ATOM   436 C CB  . VAL A 1 59 ? -5.636  -7.293  1.348   1.00 25.18 ? 1668 VAL A CB  1 
ATOM   437 C CG1 . VAL A 1 59 ? -6.123  -8.735  1.321   1.00 24.83 ? 1668 VAL A CG1 1 
ATOM   438 C CG2 . VAL A 1 59 ? -6.147  -6.523  2.574   1.00 25.59 ? 1668 VAL A CG2 1 
ATOM   439 N N   . ASN A 1 60 ? -2.894  -8.985  0.025   1.00 27.51 ? 1669 ASN A N   1 
ATOM   440 C CA  . ASN A 1 60 ? -2.466  -9.826  -1.130  1.00 27.98 ? 1669 ASN A CA  1 
ATOM   441 C C   . ASN A 1 60 ? -3.730  -10.476 -1.734  1.00 27.37 ? 1669 ASN A C   1 
ATOM   442 O O   . ASN A 1 60 ? -4.375  -11.217 -1.015  1.00 26.09 ? 1669 ASN A O   1 
ATOM   443 C CB  . ASN A 1 60 ? -1.421  -10.847 -0.657  1.00 33.26 ? 1669 ASN A CB  1 
ATOM   444 C CG  . ASN A 1 60 ? -0.854  -11.750 -1.744  1.00 36.44 ? 1669 ASN A CG  1 
ATOM   445 O OD1 . ASN A 1 60 ? -1.587  -12.241 -2.581  1.00 36.34 ? 1669 ASN A OD1 1 
ATOM   446 N ND2 . ASN A 1 60 ? 0.430   -12.051 -1.673  1.00 34.70 ? 1669 ASN A ND2 1 
ATOM   447 N N   . GLU A 1 61 ? -4.049  -10.207 -3.006  1.00 27.35 ? 1670 GLU A N   1 
ATOM   448 C CA  . GLU A 1 61 ? -5.312  -10.661 -3.656  1.00 29.57 ? 1670 GLU A CA  1 
ATOM   449 C C   . GLU A 1 61 ? -5.316  -12.172 -3.900  1.00 29.29 ? 1670 GLU A C   1 
ATOM   450 O O   . GLU A 1 61 ? -6.408  -12.697 -4.035  1.00 30.64 ? 1670 GLU A O   1 
ATOM   451 C CB  . GLU A 1 61 ? -5.578  -9.917  -4.941  1.00 29.25 ? 1670 GLU A CB  1 
ATOM   452 C CG  . GLU A 1 61 ? -6.092  -8.515  -4.676  1.00 35.79 ? 1670 GLU A CG  1 
ATOM   453 C CD  . GLU A 1 61 ? -6.337  -7.742  -5.958  1.00 41.99 ? 1670 GLU A CD  1 
ATOM   454 O OE1 . GLU A 1 61 ? -6.261  -6.461  -5.946  1.00 42.00 ? 1670 GLU A OE1 1 
ATOM   455 O OE2 . GLU A 1 61 ? -6.524  -8.437  -6.985  1.00 43.25 ? 1670 GLU A OE2 1 
ATOM   456 N N   . GLU A 1 62 ? -4.165  -12.837 -3.879  1.00 31.88 ? 1671 GLU A N   1 
ATOM   457 C CA  . GLU A 1 62 ? -4.047  -14.318 -4.051  1.00 35.36 ? 1671 GLU A CA  1 
ATOM   458 C C   . GLU A 1 62 ? -4.169  -15.030 -2.692  1.00 33.58 ? 1671 GLU A C   1 
ATOM   459 O O   . GLU A 1 62 ? -4.934  -16.003 -2.572  1.00 34.16 ? 1671 GLU A O   1 
ATOM   460 C CB  . GLU A 1 62 ? -2.720  -14.663 -4.744  1.00 35.59 ? 1671 GLU A CB  1 
ATOM   461 C CG  A GLU A 1 62 ? -2.489  -16.159 -4.925  0.50 37.33 ? 1671 GLU A CG  1 
ATOM   462 N N   . THR A 1 63 ? -3.436  -14.586 -1.678  1.00 31.66 ? 1672 THR A N   1 
ATOM   463 C CA  . THR A 1 63 ? -3.288  -15.337 -0.409  1.00 31.37 ? 1672 THR A CA  1 
ATOM   464 C C   . THR A 1 63 ? -4.121  -14.705 0.727   1.00 29.96 ? 1672 THR A C   1 
ATOM   465 O O   . THR A 1 63 ? -4.213  -15.350 1.740   1.00 29.63 ? 1672 THR A O   1 
ATOM   466 C CB  . THR A 1 63 ? -1.823  -15.448 0.009   1.00 35.62 ? 1672 THR A CB  1 
ATOM   467 O OG1 . THR A 1 63 ? -1.479  -14.114 0.412   1.00 33.79 ? 1672 THR A OG1 1 
ATOM   468 C CG2 . THR A 1 63 ? -0.939  -16.026 -1.082  1.00 33.17 ? 1672 THR A CG2 1 
ATOM   469 N N   . GLY A 1 64 ? -4.657  -13.486 0.583   1.00 30.24 ? 1673 GLY A N   1 
ATOM   470 C CA  . GLY A 1 64 ? -5.287  -12.724 1.687   1.00 28.29 ? 1673 GLY A CA  1 
ATOM   471 C C   . GLY A 1 64 ? -4.311  -12.216 2.748   1.00 29.01 ? 1673 GLY A C   1 
ATOM   472 O O   . GLY A 1 64 ? -4.763  -11.555 3.687   1.00 29.03 ? 1673 GLY A O   1 
ATOM   473 N N   . ASN A 1 65 ? -3.005  -12.453 2.632   1.00 31.19 ? 1674 ASN A N   1 
ATOM   474 C CA  . ASN A 1 65 ? -1.998  -11.916 3.588   1.00 31.09 ? 1674 ASN A CA  1 
ATOM   475 C C   . ASN A 1 65 ? -2.128  -10.381 3.741   1.00 28.45 ? 1674 ASN A C   1 
ATOM   476 O O   . ASN A 1 65 ? -2.312  -9.651  2.744   1.00 25.77 ? 1674 ASN A O   1 
ATOM   477 C CB  . ASN A 1 65 ? -0.555  -12.333 3.255   1.00 33.77 ? 1674 ASN A CB  1 
ATOM   478 C CG  . ASN A 1 65 ? 0.389   -12.080 4.425   1.00 38.52 ? 1674 ASN A CG  1 
ATOM   479 O OD1 . ASN A 1 65 ? 0.059   -12.415 5.562   1.00 48.11 ? 1674 ASN A OD1 1 
ATOM   480 N ND2 . ASN A 1 65 ? 1.514   -11.404 4.195   1.00 38.85 ? 1674 ASN A ND2 1 
ATOM   481 N N   . ARG A 1 66 ? -2.022  -9.922  4.981   1.00 25.59 ? 1675 ARG A N   1 
ATOM   482 C CA  . ARG A 1 66 ? -2.243  -8.534  5.424   1.00 28.18 ? 1675 ARG A CA  1 
ATOM   483 C C   . ARG A 1 66 ? -0.931  -7.931  5.911   1.00 30.74 ? 1675 ARG A C   1 
ATOM   484 O O   . ARG A 1 66 ? -0.250  -8.556  6.720   1.00 30.15 ? 1675 ARG A O   1 
ATOM   485 C CB  . ARG A 1 66 ? -3.300  -8.538  6.526   1.00 28.66 ? 1675 ARG A CB  1 
ATOM   486 C CG  . ARG A 1 66 ? -4.643  -9.094  6.033   1.00 25.63 ? 1675 ARG A CG  1 
ATOM   487 C CD  . ARG A 1 66 ? -5.581  -9.254  7.176   1.00 27.03 ? 1675 ARG A CD  1 
ATOM   488 N NE  . ARG A 1 66 ? -6.089  -7.951  7.599   1.00 27.93 ? 1675 ARG A NE  1 
ATOM   489 C CZ  . ARG A 1 66 ? -7.002  -7.251  6.966   1.00 28.46 ? 1675 ARG A CZ  1 
ATOM   490 N NH1 . ARG A 1 66 ? -7.386  -6.097  7.463   1.00 32.39 ? 1675 ARG A NH1 1 
ATOM   491 N NH2 . ARG A 1 66 ? -7.543  -7.711  5.846   1.00 30.99 ? 1675 ARG A NH2 1 
ATOM   492 N N   . ARG A 1 67 ? -0.568  -6.790  5.360   1.00 28.08 ? 1676 ARG A N   1 
ATOM   493 C CA  . ARG A 1 67 ? 0.554   -5.999  5.876   1.00 26.26 ? 1676 ARG A CA  1 
ATOM   494 C C   . ARG A 1 67 ? 0.054   -4.607  6.164   1.00 25.32 ? 1676 ARG A C   1 
ATOM   495 O O   . ARG A 1 67 ? -0.675  -4.024  5.364   1.00 24.90 ? 1676 ARG A O   1 
ATOM   496 C CB  . ARG A 1 67 ? 1.663   -5.927  4.850   1.00 27.59 ? 1676 ARG A CB  1 
ATOM   497 C CG  . ARG A 1 67 ? 2.009   -7.275  4.260   1.00 33.71 ? 1676 ARG A CG  1 
ATOM   498 C CD  . ARG A 1 67 ? 3.387   -7.046  3.740   1.00 35.99 ? 1676 ARG A CD  1 
ATOM   499 N NE  . ARG A 1 67 ? 3.714   -7.872  2.644   1.00 43.08 ? 1676 ARG A NE  1 
ATOM   500 C CZ  . ARG A 1 67 ? 4.596   -8.833  2.685   1.00 51.50 ? 1676 ARG A CZ  1 
ATOM   501 N NH1 . ARG A 1 67 ? 5.174   -9.162  3.827   1.00 57.24 ? 1676 ARG A NH1 1 
ATOM   502 N NH2 . ARG A 1 67 ? 4.869   -9.488  1.577   1.00 62.73 ? 1676 ARG A NH2 1 
ATOM   503 N N   . PRO A 1 68 ? 0.513   -4.053  7.298   1.00 24.35 ? 1677 PRO A N   1 
ATOM   504 C CA  . PRO A 1 68 ? 0.158   -2.701  7.703   1.00 23.72 ? 1677 PRO A CA  1 
ATOM   505 C C   . PRO A 1 68 ? 0.712   -1.681  6.689   1.00 20.81 ? 1677 PRO A C   1 
ATOM   506 O O   . PRO A 1 68 ? 1.748   -1.918  6.107   1.00 20.47 ? 1677 PRO A O   1 
ATOM   507 C CB  . PRO A 1 68 ? 0.840   -2.521  9.078   1.00 24.05 ? 1677 PRO A CB  1 
ATOM   508 C CG  . PRO A 1 68 ? 1.322   -3.874  9.499   1.00 24.70 ? 1677 PRO A CG  1 
ATOM   509 C CD  . PRO A 1 68 ? 1.393   -4.732  8.265   1.00 23.81 ? 1677 PRO A CD  1 
ATOM   510 N N   . VAL A 1 69 ? -0.020  -0.591  6.486   1.00 21.58 ? 1678 VAL A N   1 
ATOM   511 C CA  . VAL A 1 69 ? 0.437   0.598   5.724   1.00 21.56 ? 1678 VAL A CA  1 
ATOM   512 C C   . VAL A 1 69 ? 0.259   1.813   6.609   1.00 19.81 ? 1678 VAL A C   1 
ATOM   513 O O   . VAL A 1 69 ? -0.505  1.772   7.602   1.00 22.26 ? 1678 VAL A O   1 
ATOM   514 C CB  . VAL A 1 69 ? -0.233  0.781   4.345   1.00 23.41 ? 1678 VAL A CB  1 
ATOM   515 C CG1 . VAL A 1 69 ? -0.129  -0.512  3.515   1.00 23.83 ? 1678 VAL A CG1 1 
ATOM   516 C CG2 . VAL A 1 69 ? -1.638  1.283   4.448   1.00 25.07 ? 1678 VAL A CG2 1 
ATOM   517 N N   . MET A 1 70 ? 1.019   2.824   6.274   1.00 20.52 ? 1679 MET A N   1 
ATOM   518 C CA  . MET A 1 70 ? 0.914   4.134   6.914   1.00 22.14 ? 1679 MET A CA  1 
ATOM   519 C C   . MET A 1 70 ? 1.094   5.205   5.843   1.00 24.30 ? 1679 MET A C   1 
ATOM   520 O O   . MET A 1 70 ? 1.692   4.919   4.759   1.00 22.19 ? 1679 MET A O   1 
ATOM   521 C CB  . MET A 1 70 ? 2.023   4.270   7.965   1.00 25.11 ? 1679 MET A CB  1 
ATOM   522 C CG  . MET A 1 70 ? 3.408   4.289   7.365   1.00 27.71 ? 1679 MET A CG  1 
ATOM   523 S SD  . MET A 1 70 ? 4.698   4.725   8.630   1.00 27.41 ? 1679 MET A SD  1 
ATOM   524 C CE  . MET A 1 70 ? 4.362   6.457   8.837   1.00 24.98 ? 1679 MET A CE  1 
ATOM   525 N N   . LEU A 1 71 ? 0.648   6.402   6.183   1.00 24.09 ? 1680 LEU A N   1 
ATOM   526 C CA  . LEU A 1 71 ? 0.722   7.623   5.349   1.00 29.21 ? 1680 LEU A CA  1 
ATOM   527 C C   . LEU A 1 71 ? 1.522   8.665   6.142   1.00 29.70 ? 1680 LEU A C   1 
ATOM   528 O O   . LEU A 1 71 ? 1.189   8.880   7.304   1.00 29.68 ? 1680 LEU A O   1 
ATOM   529 C CB  . LEU A 1 71 ? -0.718  8.078   5.115   1.00 29.05 ? 1680 LEU A CB  1 
ATOM   530 C CG  . LEU A 1 71 ? -0.901  9.460   4.487   1.00 33.04 ? 1680 LEU A CG  1 
ATOM   531 C CD1 . LEU A 1 71 ? -0.121  9.589   3.188   1.00 37.06 ? 1680 LEU A CD1 1 
ATOM   532 C CD2 . LEU A 1 71 ? -2.374  9.744   4.253   1.00 35.14 ? 1680 LEU A CD2 1 
ATOM   533 N N   . THR A 1 72 ? 2.532   9.288   5.552   1.00 35.84 ? 1681 THR A N   1 
ATOM   534 C CA  . THR A 1 72 ? 3.044   10.624  5.988   1.00 43.52 ? 1681 THR A CA  1 
ATOM   535 C C   . THR A 1 72 ? 2.585   11.727  5.016   1.00 45.25 ? 1681 THR A C   1 
ATOM   536 O O   . THR A 1 72 ? 3.033   11.712  3.858   1.00 44.15 ? 1681 THR A O   1 
ATOM   537 C CB  . THR A 1 72 ? 4.565   10.592  6.071   1.00 46.65 ? 1681 THR A CB  1 
ATOM   538 O OG1 . THR A 1 72 ? 4.826   9.337   6.692   1.00 39.84 ? 1681 THR A OG1 1 
ATOM   539 C CG2 . THR A 1 72 ? 5.108   11.775  6.840   1.00 49.32 ? 1681 THR A CG2 1 
ATOM   540 N N   . LEU A 1 73 ? 1.721   12.647  5.456   1.00 50.45 ? 1682 LEU A N   1 
ATOM   541 C CA  . LEU A 1 73 ? 1.273   13.828  4.655   1.00 55.33 ? 1682 LEU A CA  1 
ATOM   542 C C   . LEU A 1 73 ? 2.471   14.712  4.275   1.00 56.85 ? 1682 LEU A C   1 
ATOM   543 O O   . LEU A 1 73 ? 3.227   15.114  5.178   1.00 65.06 ? 1682 LEU A O   1 
ATOM   544 C CB  . LEU A 1 73 ? 0.229   14.633  5.440   1.00 54.53 ? 1682 LEU A CB  1 
ATOM   545 C CG  . LEU A 1 73 ? -1.128  13.950  5.639   1.00 59.60 ? 1682 LEU A CG  1 
ATOM   546 C CD1 . LEU A 1 73 ? -2.096  14.885  6.354   1.00 67.58 ? 1682 LEU A CD1 1 
ATOM   547 C CD2 . LEU A 1 73 ? -1.739  13.492  4.318   1.00 62.78 ? 1682 LEU A CD2 1 
ATOM   548 N N   . LEU A 1 74 ? 2.617   15.010  2.982   1.00 57.03 ? 1683 LEU A N   1 
HETATM 549 X UNK . UNX B 2 .  ? 1.816   -10.289 1.020   1.00 12.88 ? 1801 UNX A UNK 1 
HETATM 550 X UNK . UNX C 2 .  ? -9.290  -5.029  5.281   1.00 12.11 ? 1802 UNX A UNK 1 
HETATM 551 X UNK . UNX D 2 .  ? 4.434   -7.077  7.374   1.00 39.98 ? 1803 UNX A UNK 1 
HETATM 552 X UNK . UNX E 2 .  ? -9.598  8.410   -0.076  1.00 30.79 ? 1804 UNX A UNK 1 
HETATM 553 X UNK . UNX F 2 .  ? -8.029  0.614   -7.865  1.00 35.18 ? 1805 UNX A UNK 1 
HETATM 554 X UNK . UNX G 2 .  ? 8.828   5.985   9.416   1.00 43.39 ? 1806 UNX A UNK 1 
HETATM 555 X UNK . UNX H 2 .  ? 9.162   -0.985  -1.221  1.00 34.68 ? 1807 UNX A UNK 1 
HETATM 556 X UNK . UNX I 2 .  ? -8.786  12.604  1.016   1.00 46.50 ? 1808 UNX A UNK 1 
HETATM 557 X UNK . UNX J 2 .  ? -10.637 7.703   -8.627  1.00 41.74 ? 1809 UNX A UNK 1 
HETATM 558 X UNK . UNX K 2 .  ? 1.428   -13.880 -3.542  1.00 39.33 ? 1810 UNX A UNK 1 
HETATM 559 O O1  . MES L 3 .  ? 4.196   -6.409  -0.242  1.00 31.76 ? 1811 MES A O1  1 
HETATM 560 C C2  . MES L 3 .  ? 5.090   -5.377  0.153   1.00 34.39 ? 1811 MES A C2  1 
HETATM 561 C C3  . MES L 3 .  ? 5.118   -4.222  -0.826  1.00 35.54 ? 1811 MES A C3  1 
HETATM 562 N N4  . MES L 3 .  ? 5.489   -4.755  -2.181  1.00 36.22 ? 1811 MES A N4  1 
HETATM 563 C C5  . MES L 3 .  ? 4.478   -5.779  -2.573  1.00 35.96 ? 1811 MES A C5  1 
HETATM 564 C C6  . MES L 3 .  ? 4.488   -6.886  -1.539  1.00 35.93 ? 1811 MES A C6  1 
HETATM 565 C C7  . MES L 3 .  ? 5.689   -3.673  -3.194  1.00 31.48 ? 1811 MES A C7  1 
HETATM 566 C C8  . MES L 3 .  ? 6.901   -2.814  -2.903  1.00 32.11 ? 1811 MES A C8  1 
HETATM 567 S S   . MES L 3 .  ? 7.286   -1.716  -4.280  1.00 34.57 ? 1811 MES A S   1 
HETATM 568 O O1S . MES L 3 .  ? 7.318   -2.616  -5.382  1.00 35.98 ? 1811 MES A O1S 1 
HETATM 569 O O2S . MES L 3 .  ? 8.565   -1.133  -4.005  1.00 37.92 ? 1811 MES A O2S 1 
HETATM 570 O O3S . MES L 3 .  ? 6.312   -0.677  -4.327  1.00 33.15 ? 1811 MES A O3S 1 
HETATM 571 O O   . HOH M 4 .  ? -10.906 0.403   2.653   1.00 31.60 ? 1901 HOH A O   1 
HETATM 572 O O   . HOH M 4 .  ? 7.010   -0.232  -8.772  1.00 36.11 ? 1902 HOH A O   1 
HETATM 573 O O   . HOH M 4 .  ? 1.211   0.890   -9.510  1.00 38.25 ? 1903 HOH A O   1 
HETATM 574 O O   . HOH M 4 .  ? 5.364   8.815   -5.871  1.00 30.91 ? 1904 HOH A O   1 
HETATM 575 O O   . HOH M 4 .  ? 2.239   3.150   -11.216 1.00 42.44 ? 1905 HOH A O   1 
HETATM 576 O O   . HOH M 4 .  ? -8.874  -11.729 -3.743  1.00 27.90 ? 1906 HOH A O   1 
HETATM 577 O O   . HOH M 4 .  ? -1.456  3.630   9.360   1.00 23.01 ? 1907 HOH A O   1 
HETATM 578 O O   . HOH M 4 .  ? -6.947  -2.240  10.654  1.00 23.86 ? 1908 HOH A O   1 
HETATM 579 O O   . HOH M 4 .  ? 1.967   9.185   9.993   1.00 35.28 ? 1909 HOH A O   1 
HETATM 580 O O   . HOH M 4 .  ? 12.183  2.480   2.487   1.00 39.19 ? 1910 HOH A O   1 
HETATM 581 O O   . HOH M 4 .  ? -0.089  -7.852  1.511   1.00 27.69 ? 1911 HOH A O   1 
HETATM 582 O O   . HOH M 4 .  ? 10.900  4.198   5.039   1.00 42.97 ? 1912 HOH A O   1 
HETATM 583 O O   . HOH M 4 .  ? -3.186  14.832  0.353   1.00 45.26 ? 1913 HOH A O   1 
HETATM 584 O O   . HOH M 4 .  ? 11.168  4.290   -6.571  1.00 32.85 ? 1914 HOH A O   1 
HETATM 585 O O   . HOH M 4 .  ? -5.218  1.639   -9.367  1.00 38.10 ? 1915 HOH A O   1 
HETATM 586 O O   . HOH M 4 .  ? -2.443  -11.903 7.244   1.00 38.91 ? 1916 HOH A O   1 
HETATM 587 O O   . HOH M 4 .  ? -0.690  6.225   8.927   1.00 26.45 ? 1917 HOH A O   1 
HETATM 588 O O   . HOH M 4 .  ? 0.163   -1.094  -10.316 1.00 37.05 ? 1918 HOH A O   1 
HETATM 589 O O   . HOH M 4 .  ? 7.959   11.029  4.609   1.00 49.26 ? 1919 HOH A O   1 
# 
loop_
_pdbx_poly_seq_scheme.asym_id 
_pdbx_poly_seq_scheme.entity_id 
_pdbx_poly_seq_scheme.seq_id 
_pdbx_poly_seq_scheme.mon_id 
_pdbx_poly_seq_scheme.ndb_seq_num 
_pdbx_poly_seq_scheme.pdb_seq_num 
_pdbx_poly_seq_scheme.auth_seq_num 
_pdbx_poly_seq_scheme.pdb_mon_id 
_pdbx_poly_seq_scheme.auth_mon_id 
_pdbx_poly_seq_scheme.pdb_strand_id 
_pdbx_poly_seq_scheme.pdb_ins_code 
_pdbx_poly_seq_scheme.hetero 
A 1 1  GLY 1  1610 ?    ?   ?   A . n 
A 1 2  GLN 2  1611 ?    ?   ?   A . n 
A 1 3  SER 3  1612 ?    ?   ?   A . n 
A 1 4  ASN 4  1613 ?    ?   ?   A . n 
A 1 5  SER 5  1614 1614 SER SER A . n 
A 1 6  ASN 6  1615 1615 ASN ASN A . n 
A 1 7  ASN 7  1616 1616 ASN ASN A . n 
A 1 8  TRP 8  1617 1617 TRP TRP A . n 
A 1 9  ARG 9  1618 1618 ARG ARG A . n 
A 1 10 TRP 10 1619 1619 TRP TRP A . n 
A 1 11 PHE 11 1620 1620 PHE PHE A . n 
A 1 12 ASP 12 1621 1621 ASP ASP A . n 
A 1 13 ASP 13 1622 1622 ASP ASP A . n 
A 1 14 ARG 14 1623 1623 ARG ARG A . n 
A 1 15 SER 15 1624 1624 SER SER A . n 
A 1 16 GLY 16 1625 1625 GLY GLY A . n 
A 1 17 ARG 17 1626 1626 ARG ARG A . n 
A 1 18 TRP 18 1627 1627 TRP TRP A . n 
A 1 19 CYS 19 1628 1628 CYS CYS A . n 
A 1 20 SER 20 1629 1629 SER SER A . n 
A 1 21 TYR 21 1630 1630 TYR TYR A . n 
A 1 22 SER 22 1631 1631 SER SER A . n 
A 1 23 ALA 23 1632 1632 ALA ALA A . n 
A 1 24 SER 24 1633 1633 SER SER A . n 
A 1 25 ASN 25 1634 1634 ASN ASN A . n 
A 1 26 ASN 26 1635 1635 ASN ASN A . n 
A 1 27 SER 27 1636 1636 SER SER A . n 
A 1 28 THR 28 1637 1637 THR THR A . n 
A 1 29 ILE 29 1638 1638 ILE ILE A . n 
A 1 30 ASP 30 1639 1639 ASP ASP A . n 
A 1 31 SER 31 1640 1640 SER SER A . n 
A 1 32 ALA 32 1641 1641 ALA ALA A . n 
A 1 33 TRP 33 1642 1642 TRP TRP A . n 
A 1 34 LYS 34 1643 1643 LYS LYS A . n 
A 1 35 SER 35 1644 1644 SER SER A . n 
A 1 36 GLY 36 1645 1645 GLY GLY A . n 
A 1 37 GLU 37 1646 1646 GLU GLU A . n 
A 1 38 THR 38 1647 1647 THR THR A . n 
A 1 39 SER 39 1648 1648 SER SER A . n 
A 1 40 VAL 40 1649 1649 VAL VAL A . n 
A 1 41 ARG 41 1650 1650 ARG ARG A . n 
A 1 42 PHE 42 1651 1651 PHE PHE A . n 
A 1 43 THR 43 1652 1652 THR THR A . n 
A 1 44 ALA 44 1653 1653 ALA ALA A . n 
A 1 45 GLY 45 1654 1654 GLY GLY A . n 
A 1 46 ARG 46 1655 1655 ARG ARG A . n 
A 1 47 ARG 47 1656 1656 ARG ARG A . n 
A 1 48 ARG 48 1657 1657 ARG ARG A . n 
A 1 49 TYR 49 1658 1658 TYR TYR A . n 
A 1 50 THR 50 1659 1659 THR THR A . n 
A 1 51 VAL 51 1660 1660 VAL VAL A . n 
A 1 52 GLN 52 1661 1661 GLN GLN A . n 
A 1 53 PHE 53 1662 1662 PHE PHE A . n 
A 1 54 THR 54 1663 1663 THR THR A . n 
A 1 55 THR 55 1664 1664 THR THR A . n 
A 1 56 MET 56 1665 1665 MET MET A . n 
A 1 57 VAL 57 1666 1666 VAL VAL A . n 
A 1 58 GLN 58 1667 1667 GLN GLN A . n 
A 1 59 VAL 59 1668 1668 VAL VAL A . n 
A 1 60 ASN 60 1669 1669 ASN ASN A . n 
A 1 61 GLU 61 1670 1670 GLU GLU A . n 
A 1 62 GLU 62 1671 1671 GLU GLU A . n 
A 1 63 THR 63 1672 1672 THR THR A . n 
A 1 64 GLY 64 1673 1673 GLY GLY A . n 
A 1 65 ASN 65 1674 1674 ASN ASN A . n 
A 1 66 ARG 66 1675 1675 ARG ARG A . n 
A 1 67 ARG 67 1676 1676 ARG ARG A . n 
A 1 68 PRO 68 1677 1677 PRO PRO A . n 
A 1 69 VAL 69 1678 1678 VAL VAL A . n 
A 1 70 MET 70 1679 1679 MET MET A . n 
A 1 71 LEU 71 1680 1680 LEU LEU A . n 
A 1 72 THR 72 1681 1681 THR THR A . n 
A 1 73 LEU 73 1682 1682 LEU LEU A . n 
A 1 74 LEU 74 1683 1683 LEU LEU A . n 
A 1 75 ARG 75 1684 ?    ?   ?   A . n 
A 1 76 VAL 76 1685 ?    ?   ?   A . n 
A 1 77 PRO 77 1686 ?    ?   ?   A . n 
A 1 78 ARG 78 1687 ?    ?   ?   A . n 
A 1 79 LEU 79 1688 ?    ?   ?   A . n 
A 1 80 ASN 80 1689 ?    ?   ?   A . n 
A 1 81 LYS 81 1690 ?    ?   ?   A . n 
A 1 82 ASN 82 1691 ?    ?   ?   A . n 
A 1 83 SER 83 1692 ?    ?   ?   A . n 
A 1 84 LYS 84 1693 ?    ?   ?   A . n 
A 1 85 ASN 85 1694 ?    ?   ?   A . n 
A 1 86 SER 86 1695 ?    ?   ?   A . n 
A 1 87 ASN 87 1696 ?    ?   ?   A . n 
A 1 88 GLY 88 1697 ?    ?   ?   A . n 
A 1 89 GLN 89 1698 ?    ?   ?   A . n 
A 1 90 GLU 90 1699 ?    ?   ?   A . n 
A 1 91 LEU 91 1700 ?    ?   ?   A . n 
# 
_pdbx_SG_project.id                    1 
_pdbx_SG_project.project_name          ? 
_pdbx_SG_project.full_name_of_center   'Structural Genomics Consortium' 
_pdbx_SG_project.initial_of_center     SGC 
# 
loop_
_pdbx_nonpoly_scheme.asym_id 
_pdbx_nonpoly_scheme.entity_id 
_pdbx_nonpoly_scheme.mon_id 
_pdbx_nonpoly_scheme.ndb_seq_num 
_pdbx_nonpoly_scheme.pdb_seq_num 
_pdbx_nonpoly_scheme.auth_seq_num 
_pdbx_nonpoly_scheme.pdb_mon_id 
_pdbx_nonpoly_scheme.auth_mon_id 
_pdbx_nonpoly_scheme.pdb_strand_id 
_pdbx_nonpoly_scheme.pdb_ins_code 
B 2 UNX 1  1801 1   UNX UNX A . 
C 2 UNX 1  1802 2   UNX UNX A . 
D 2 UNX 1  1803 3   UNX UNX A . 
E 2 UNX 1  1804 4   UNX UNX A . 
F 2 UNX 1  1805 5   UNX UNX A . 
G 2 UNX 1  1806 6   UNX UNX A . 
H 2 UNX 1  1807 7   UNX UNX A . 
I 2 UNX 1  1808 8   UNX UNX A . 
J 2 UNX 1  1809 9   UNX UNX A . 
K 2 UNX 1  1810 10  UNX UNX A . 
L 3 MES 1  1811 101 MES MES A . 
M 4 HOH 1  1901 16  HOH HOH A . 
M 4 HOH 2  1902 11  HOH HOH A . 
M 4 HOH 3  1903 18  HOH HOH A . 
M 4 HOH 4  1904 10  HOH HOH A . 
M 4 HOH 5  1905 17  HOH HOH A . 
M 4 HOH 6  1906 1   HOH HOH A . 
M 4 HOH 7  1907 14  HOH HOH A . 
M 4 HOH 8  1908 5   HOH HOH A . 
M 4 HOH 9  1909 21  HOH HOH A . 
M 4 HOH 10 1910 20  HOH HOH A . 
M 4 HOH 11 1911 3   HOH HOH A . 
M 4 HOH 12 1912 26  HOH HOH A . 
M 4 HOH 13 1913 27  HOH HOH A . 
M 4 HOH 14 1914 22  HOH HOH A . 
M 4 HOH 15 1915 19  HOH HOH A . 
M 4 HOH 16 1916 23  HOH HOH A . 
M 4 HOH 17 1917 9   HOH HOH A . 
M 4 HOH 18 1918 13  HOH HOH A . 
M 4 HOH 19 1919 25  HOH HOH A . 
# 
_pdbx_struct_assembly.id                   1 
_pdbx_struct_assembly.details              author_and_software_defined_assembly 
_pdbx_struct_assembly.method_details       PISA 
_pdbx_struct_assembly.oligomeric_details   monomeric 
_pdbx_struct_assembly.oligomeric_count     1 
# 
_pdbx_struct_assembly_gen.assembly_id       1 
_pdbx_struct_assembly_gen.oper_expression   1 
_pdbx_struct_assembly_gen.asym_id_list      A,B,C,D,E,F,G,H,I,J,K,L,M 
# 
loop_
_pdbx_struct_assembly_prop.biol_id 
_pdbx_struct_assembly_prop.type 
_pdbx_struct_assembly_prop.value 
_pdbx_struct_assembly_prop.details 
1 'ABSA (A^2)' 410  ? 
1 MORE         6    ? 
1 'SSA (A^2)'  4310 ? 
# 
_pdbx_struct_oper_list.id                   1 
_pdbx_struct_oper_list.type                 'identity operation' 
_pdbx_struct_oper_list.name                 1_555 
_pdbx_struct_oper_list.symmetry_operation   x,y,z 
_pdbx_struct_oper_list.matrix[1][1]         1.0000000000 
_pdbx_struct_oper_list.matrix[1][2]         0.0000000000 
_pdbx_struct_oper_list.matrix[1][3]         0.0000000000 
_pdbx_struct_oper_list.vector[1]            0.0000000000 
_pdbx_struct_oper_list.matrix[2][1]         0.0000000000 
_pdbx_struct_oper_list.matrix[2][2]         1.0000000000 
_pdbx_struct_oper_list.matrix[2][3]         0.0000000000 
_pdbx_struct_oper_list.vector[2]            0.0000000000 
_pdbx_struct_oper_list.matrix[3][1]         0.0000000000 
_pdbx_struct_oper_list.matrix[3][2]         0.0000000000 
_pdbx_struct_oper_list.matrix[3][3]         1.0000000000 
_pdbx_struct_oper_list.vector[3]            0.0000000000 
# 
loop_
_pdbx_audit_revision_history.ordinal 
_pdbx_audit_revision_history.data_content_type 
_pdbx_audit_revision_history.major_revision 
_pdbx_audit_revision_history.minor_revision 
_pdbx_audit_revision_history.revision_date 
1 'Structure model' 1 0 2018-10-17 
2 'Structure model' 1 1 2023-10-11 
# 
_pdbx_audit_revision_details.ordinal             1 
_pdbx_audit_revision_details.revision_ordinal    1 
_pdbx_audit_revision_details.data_content_type   'Structure model' 
_pdbx_audit_revision_details.provider            repository 
_pdbx_audit_revision_details.type                'Initial release' 
_pdbx_audit_revision_details.description         ? 
_pdbx_audit_revision_details.details             ? 
# 
loop_
_pdbx_audit_revision_group.ordinal 
_pdbx_audit_revision_group.revision_ordinal 
_pdbx_audit_revision_group.data_content_type 
_pdbx_audit_revision_group.group 
1 2 'Structure model' 'Data collection'        
2 2 'Structure model' 'Database references'    
3 2 'Structure model' 'Refinement description' 
# 
loop_
_pdbx_audit_revision_category.ordinal 
_pdbx_audit_revision_category.revision_ordinal 
_pdbx_audit_revision_category.data_content_type 
_pdbx_audit_revision_category.category 
1 2 'Structure model' chem_comp_atom                
2 2 'Structure model' chem_comp_bond                
3 2 'Structure model' database_2                    
4 2 'Structure model' pdbx_initial_refinement_model 
# 
loop_
_pdbx_audit_revision_item.ordinal 
_pdbx_audit_revision_item.revision_ordinal 
_pdbx_audit_revision_item.data_content_type 
_pdbx_audit_revision_item.item 
1 2 'Structure model' '_database_2.pdbx_DOI'                
2 2 'Structure model' '_database_2.pdbx_database_accession' 
# 
loop_
_software.citation_id 
_software.classification 
_software.compiler_name 
_software.compiler_version 
_software.contact_author 
_software.contact_author_email 
_software.date 
_software.description 
_software.dependencies 
_software.hardware 
_software.language 
_software.location 
_software.mods 
_software.name 
_software.os 
_software.os_version 
_software.type 
_software.version 
_software.pdbx_ordinal 
? 'data scaling'    ? ? ? ? ? ? ? ? ? ? ? Aimless     ? ? ? 0.7.2    1 
? refinement        ? ? ? ? ? ? ? ? ? ? ? REFMAC      ? ? ? 5.8.0232 2 
? 'data extraction' ? ? ? ? ? ? ? ? ? ? ? PDB_EXTRACT ? ? ? 3.22     3 
? 'data reduction'  ? ? ? ? ? ? ? ? ? ? ? XDS         ? ? ? .        4 
? phasing           ? ? ? ? ? ? ? ? ? ? ? PHASER      ? ? ? .        5 
# 
loop_
_pdbx_unobs_or_zero_occ_atoms.id 
_pdbx_unobs_or_zero_occ_atoms.PDB_model_num 
_pdbx_unobs_or_zero_occ_atoms.polymer_flag 
_pdbx_unobs_or_zero_occ_atoms.occupancy_flag 
_pdbx_unobs_or_zero_occ_atoms.auth_asym_id 
_pdbx_unobs_or_zero_occ_atoms.auth_comp_id 
_pdbx_unobs_or_zero_occ_atoms.auth_seq_id 
_pdbx_unobs_or_zero_occ_atoms.PDB_ins_code 
_pdbx_unobs_or_zero_occ_atoms.auth_atom_id 
_pdbx_unobs_or_zero_occ_atoms.label_alt_id 
_pdbx_unobs_or_zero_occ_atoms.label_asym_id 
_pdbx_unobs_or_zero_occ_atoms.label_comp_id 
_pdbx_unobs_or_zero_occ_atoms.label_seq_id 
_pdbx_unobs_or_zero_occ_atoms.label_atom_id 
1  1 Y 1 A ARG 1623 ? CG  ? A ARG 14 CG  
2  1 Y 1 A ARG 1623 ? CD  ? A ARG 14 CD  
3  1 Y 1 A ARG 1623 ? NE  ? A ARG 14 NE  
4  1 Y 1 A ARG 1623 ? CZ  ? A ARG 14 CZ  
5  1 Y 1 A ARG 1623 ? NH1 ? A ARG 14 NH1 
6  1 Y 1 A ARG 1623 ? NH2 ? A ARG 14 NH2 
7  1 Y 1 A ARG 1655 ? CG  ? A ARG 46 CG  
8  1 Y 1 A ARG 1655 ? CD  ? A ARG 46 CD  
9  1 Y 1 A ARG 1655 ? NE  ? A ARG 46 NE  
10 1 Y 1 A ARG 1655 ? CZ  ? A ARG 46 CZ  
11 1 Y 1 A ARG 1655 ? NH1 ? A ARG 46 NH1 
12 1 Y 1 A ARG 1655 ? NH2 ? A ARG 46 NH2 
13 1 Y 1 A ARG 1656 ? NE  ? A ARG 47 NE  
14 1 Y 1 A ARG 1656 ? CZ  ? A ARG 47 CZ  
15 1 Y 1 A ARG 1656 ? NH1 ? A ARG 47 NH1 
16 1 Y 1 A ARG 1656 ? NH2 ? A ARG 47 NH2 
17 1 Y 1 A ARG 1657 ? NE  ? A ARG 48 NE  
18 1 Y 1 A ARG 1657 ? CZ  ? A ARG 48 CZ  
19 1 Y 1 A ARG 1657 ? NH1 ? A ARG 48 NH1 
20 1 Y 1 A ARG 1657 ? NH2 ? A ARG 48 NH2 
21 1 Y 1 A GLU 1671 ? CD  ? A GLU 62 CD  
22 1 Y 1 A GLU 1671 ? OE1 ? A GLU 62 OE1 
23 1 Y 1 A GLU 1671 ? OE2 ? A GLU 62 OE2 
24 1 Y 1 A LEU 1683 ? CA  ? A LEU 74 CA  
25 1 Y 1 A LEU 1683 ? C   ? A LEU 74 C   
26 1 Y 1 A LEU 1683 ? O   ? A LEU 74 O   
27 1 Y 1 A LEU 1683 ? CB  ? A LEU 74 CB  
28 1 Y 1 A LEU 1683 ? CG  ? A LEU 74 CG  
29 1 Y 1 A LEU 1683 ? CD1 ? A LEU 74 CD1 
30 1 Y 1 A LEU 1683 ? CD2 ? A LEU 74 CD2 
# 
loop_
_pdbx_unobs_or_zero_occ_residues.id 
_pdbx_unobs_or_zero_occ_residues.PDB_model_num 
_pdbx_unobs_or_zero_occ_residues.polymer_flag 
_pdbx_unobs_or_zero_occ_residues.occupancy_flag 
_pdbx_unobs_or_zero_occ_residues.auth_asym_id 
_pdbx_unobs_or_zero_occ_residues.auth_comp_id 
_pdbx_unobs_or_zero_occ_residues.auth_seq_id 
_pdbx_unobs_or_zero_occ_residues.PDB_ins_code 
_pdbx_unobs_or_zero_occ_residues.label_asym_id 
_pdbx_unobs_or_zero_occ_residues.label_comp_id 
_pdbx_unobs_or_zero_occ_residues.label_seq_id 
1  1 Y 1 A GLY 1610 ? A GLY 1  
2  1 Y 1 A GLN 1611 ? A GLN 2  
3  1 Y 1 A SER 1612 ? A SER 3  
4  1 Y 1 A ASN 1613 ? A ASN 4  
5  1 Y 1 A ARG 1684 ? A ARG 75 
6  1 Y 1 A VAL 1685 ? A VAL 76 
7  1 Y 1 A PRO 1686 ? A PRO 77 
8  1 Y 1 A ARG 1687 ? A ARG 78 
9  1 Y 1 A LEU 1688 ? A LEU 79 
10 1 Y 1 A ASN 1689 ? A ASN 80 
11 1 Y 1 A LYS 1690 ? A LYS 81 
12 1 Y 1 A ASN 1691 ? A ASN 82 
13 1 Y 1 A SER 1692 ? A SER 83 
14 1 Y 1 A LYS 1693 ? A LYS 84 
15 1 Y 1 A ASN 1694 ? A ASN 85 
16 1 Y 1 A SER 1695 ? A SER 86 
17 1 Y 1 A ASN 1696 ? A ASN 87 
18 1 Y 1 A GLY 1697 ? A GLY 88 
19 1 Y 1 A GLN 1698 ? A GLN 89 
20 1 Y 1 A GLU 1699 ? A GLU 90 
21 1 Y 1 A LEU 1700 ? A LEU 91 
# 
loop_
_chem_comp_atom.comp_id 
_chem_comp_atom.atom_id 
_chem_comp_atom.type_symbol 
_chem_comp_atom.pdbx_aromatic_flag 
_chem_comp_atom.pdbx_stereo_config 
_chem_comp_atom.pdbx_ordinal 
ALA N    N N N 1   
ALA CA   C N S 2   
ALA C    C N N 3   
ALA O    O N N 4   
ALA CB   C N N 5   
ALA OXT  O N N 6   
ALA H    H N N 7   
ALA H2   H N N 8   
ALA HA   H N N 9   
ALA HB1  H N N 10  
ALA HB2  H N N 11  
ALA HB3  H N N 12  
ALA HXT  H N N 13  
ARG N    N N N 14  
ARG CA   C N S 15  
ARG C    C N N 16  
ARG O    O N N 17  
ARG CB   C N N 18  
ARG CG   C N N 19  
ARG CD   C N N 20  
ARG NE   N N N 21  
ARG CZ   C N N 22  
ARG NH1  N N N 23  
ARG NH2  N N N 24  
ARG OXT  O N N 25  
ARG H    H N N 26  
ARG H2   H N N 27  
ARG HA   H N N 28  
ARG HB2  H N N 29  
ARG HB3  H N N 30  
ARG HG2  H N N 31  
ARG HG3  H N N 32  
ARG HD2  H N N 33  
ARG HD3  H N N 34  
ARG HE   H N N 35  
ARG HH11 H N N 36  
ARG HH12 H N N 37  
ARG HH21 H N N 38  
ARG HH22 H N N 39  
ARG HXT  H N N 40  
ASN N    N N N 41  
ASN CA   C N S 42  
ASN C    C N N 43  
ASN O    O N N 44  
ASN CB   C N N 45  
ASN CG   C N N 46  
ASN OD1  O N N 47  
ASN ND2  N N N 48  
ASN OXT  O N N 49  
ASN H    H N N 50  
ASN H2   H N N 51  
ASN HA   H N N 52  
ASN HB2  H N N 53  
ASN HB3  H N N 54  
ASN HD21 H N N 55  
ASN HD22 H N N 56  
ASN HXT  H N N 57  
ASP N    N N N 58  
ASP CA   C N S 59  
ASP C    C N N 60  
ASP O    O N N 61  
ASP CB   C N N 62  
ASP CG   C N N 63  
ASP OD1  O N N 64  
ASP OD2  O N N 65  
ASP OXT  O N N 66  
ASP H    H N N 67  
ASP H2   H N N 68  
ASP HA   H N N 69  
ASP HB2  H N N 70  
ASP HB3  H N N 71  
ASP HD2  H N N 72  
ASP HXT  H N N 73  
CYS N    N N N 74  
CYS CA   C N R 75  
CYS C    C N N 76  
CYS O    O N N 77  
CYS CB   C N N 78  
CYS SG   S N N 79  
CYS OXT  O N N 80  
CYS H    H N N 81  
CYS H2   H N N 82  
CYS HA   H N N 83  
CYS HB2  H N N 84  
CYS HB3  H N N 85  
CYS HG   H N N 86  
CYS HXT  H N N 87  
GLN N    N N N 88  
GLN CA   C N S 89  
GLN C    C N N 90  
GLN O    O N N 91  
GLN CB   C N N 92  
GLN CG   C N N 93  
GLN CD   C N N 94  
GLN OE1  O N N 95  
GLN NE2  N N N 96  
GLN OXT  O N N 97  
GLN H    H N N 98  
GLN H2   H N N 99  
GLN HA   H N N 100 
GLN HB2  H N N 101 
GLN HB3  H N N 102 
GLN HG2  H N N 103 
GLN HG3  H N N 104 
GLN HE21 H N N 105 
GLN HE22 H N N 106 
GLN HXT  H N N 107 
GLU N    N N N 108 
GLU CA   C N S 109 
GLU C    C N N 110 
GLU O    O N N 111 
GLU CB   C N N 112 
GLU CG   C N N 113 
GLU CD   C N N 114 
GLU OE1  O N N 115 
GLU OE2  O N N 116 
GLU OXT  O N N 117 
GLU H    H N N 118 
GLU H2   H N N 119 
GLU HA   H N N 120 
GLU HB2  H N N 121 
GLU HB3  H N N 122 
GLU HG2  H N N 123 
GLU HG3  H N N 124 
GLU HE2  H N N 125 
GLU HXT  H N N 126 
GLY N    N N N 127 
GLY CA   C N N 128 
GLY C    C N N 129 
GLY O    O N N 130 
GLY OXT  O N N 131 
GLY H    H N N 132 
GLY H2   H N N 133 
GLY HA2  H N N 134 
GLY HA3  H N N 135 
GLY HXT  H N N 136 
HOH O    O N N 137 
HOH H1   H N N 138 
HOH H2   H N N 139 
ILE N    N N N 140 
ILE CA   C N S 141 
ILE C    C N N 142 
ILE O    O N N 143 
ILE CB   C N S 144 
ILE CG1  C N N 145 
ILE CG2  C N N 146 
ILE CD1  C N N 147 
ILE OXT  O N N 148 
ILE H    H N N 149 
ILE H2   H N N 150 
ILE HA   H N N 151 
ILE HB   H N N 152 
ILE HG12 H N N 153 
ILE HG13 H N N 154 
ILE HG21 H N N 155 
ILE HG22 H N N 156 
ILE HG23 H N N 157 
ILE HD11 H N N 158 
ILE HD12 H N N 159 
ILE HD13 H N N 160 
ILE HXT  H N N 161 
LEU N    N N N 162 
LEU CA   C N S 163 
LEU C    C N N 164 
LEU O    O N N 165 
LEU CB   C N N 166 
LEU CG   C N N 167 
LEU CD1  C N N 168 
LEU CD2  C N N 169 
LEU OXT  O N N 170 
LEU H    H N N 171 
LEU H2   H N N 172 
LEU HA   H N N 173 
LEU HB2  H N N 174 
LEU HB3  H N N 175 
LEU HG   H N N 176 
LEU HD11 H N N 177 
LEU HD12 H N N 178 
LEU HD13 H N N 179 
LEU HD21 H N N 180 
LEU HD22 H N N 181 
LEU HD23 H N N 182 
LEU HXT  H N N 183 
LYS N    N N N 184 
LYS CA   C N S 185 
LYS C    C N N 186 
LYS O    O N N 187 
LYS CB   C N N 188 
LYS CG   C N N 189 
LYS CD   C N N 190 
LYS CE   C N N 191 
LYS NZ   N N N 192 
LYS OXT  O N N 193 
LYS H    H N N 194 
LYS H2   H N N 195 
LYS HA   H N N 196 
LYS HB2  H N N 197 
LYS HB3  H N N 198 
LYS HG2  H N N 199 
LYS HG3  H N N 200 
LYS HD2  H N N 201 
LYS HD3  H N N 202 
LYS HE2  H N N 203 
LYS HE3  H N N 204 
LYS HZ1  H N N 205 
LYS HZ2  H N N 206 
LYS HZ3  H N N 207 
LYS HXT  H N N 208 
MES O1   O N N 209 
MES C2   C N N 210 
MES C3   C N N 211 
MES N4   N N N 212 
MES C5   C N N 213 
MES C6   C N N 214 
MES C7   C N N 215 
MES C8   C N N 216 
MES S    S N N 217 
MES O1S  O N N 218 
MES O2S  O N N 219 
MES O3S  O N N 220 
MES H21  H N N 221 
MES H22  H N N 222 
MES H31  H N N 223 
MES H32  H N N 224 
MES HN4  H N N 225 
MES H51  H N N 226 
MES H52  H N N 227 
MES H61  H N N 228 
MES H62  H N N 229 
MES H71  H N N 230 
MES H72  H N N 231 
MES H81  H N N 232 
MES H82  H N N 233 
MET N    N N N 234 
MET CA   C N S 235 
MET C    C N N 236 
MET O    O N N 237 
MET CB   C N N 238 
MET CG   C N N 239 
MET SD   S N N 240 
MET CE   C N N 241 
MET OXT  O N N 242 
MET H    H N N 243 
MET H2   H N N 244 
MET HA   H N N 245 
MET HB2  H N N 246 
MET HB3  H N N 247 
MET HG2  H N N 248 
MET HG3  H N N 249 
MET HE1  H N N 250 
MET HE2  H N N 251 
MET HE3  H N N 252 
MET HXT  H N N 253 
PHE N    N N N 254 
PHE CA   C N S 255 
PHE C    C N N 256 
PHE O    O N N 257 
PHE CB   C N N 258 
PHE CG   C Y N 259 
PHE CD1  C Y N 260 
PHE CD2  C Y N 261 
PHE CE1  C Y N 262 
PHE CE2  C Y N 263 
PHE CZ   C Y N 264 
PHE OXT  O N N 265 
PHE H    H N N 266 
PHE H2   H N N 267 
PHE HA   H N N 268 
PHE HB2  H N N 269 
PHE HB3  H N N 270 
PHE HD1  H N N 271 
PHE HD2  H N N 272 
PHE HE1  H N N 273 
PHE HE2  H N N 274 
PHE HZ   H N N 275 
PHE HXT  H N N 276 
PRO N    N N N 277 
PRO CA   C N S 278 
PRO C    C N N 279 
PRO O    O N N 280 
PRO CB   C N N 281 
PRO CG   C N N 282 
PRO CD   C N N 283 
PRO OXT  O N N 284 
PRO H    H N N 285 
PRO HA   H N N 286 
PRO HB2  H N N 287 
PRO HB3  H N N 288 
PRO HG2  H N N 289 
PRO HG3  H N N 290 
PRO HD2  H N N 291 
PRO HD3  H N N 292 
PRO HXT  H N N 293 
SER N    N N N 294 
SER CA   C N S 295 
SER C    C N N 296 
SER O    O N N 297 
SER CB   C N N 298 
SER OG   O N N 299 
SER OXT  O N N 300 
SER H    H N N 301 
SER H2   H N N 302 
SER HA   H N N 303 
SER HB2  H N N 304 
SER HB3  H N N 305 
SER HG   H N N 306 
SER HXT  H N N 307 
THR N    N N N 308 
THR CA   C N S 309 
THR C    C N N 310 
THR O    O N N 311 
THR CB   C N R 312 
THR OG1  O N N 313 
THR CG2  C N N 314 
THR OXT  O N N 315 
THR H    H N N 316 
THR H2   H N N 317 
THR HA   H N N 318 
THR HB   H N N 319 
THR HG1  H N N 320 
THR HG21 H N N 321 
THR HG22 H N N 322 
THR HG23 H N N 323 
THR HXT  H N N 324 
TRP N    N N N 325 
TRP CA   C N S 326 
TRP C    C N N 327 
TRP O    O N N 328 
TRP CB   C N N 329 
TRP CG   C Y N 330 
TRP CD1  C Y N 331 
TRP CD2  C Y N 332 
TRP NE1  N Y N 333 
TRP CE2  C Y N 334 
TRP CE3  C Y N 335 
TRP CZ2  C Y N 336 
TRP CZ3  C Y N 337 
TRP CH2  C Y N 338 
TRP OXT  O N N 339 
TRP H    H N N 340 
TRP H2   H N N 341 
TRP HA   H N N 342 
TRP HB2  H N N 343 
TRP HB3  H N N 344 
TRP HD1  H N N 345 
TRP HE1  H N N 346 
TRP HE3  H N N 347 
TRP HZ2  H N N 348 
TRP HZ3  H N N 349 
TRP HH2  H N N 350 
TRP HXT  H N N 351 
TYR N    N N N 352 
TYR CA   C N S 353 
TYR C    C N N 354 
TYR O    O N N 355 
TYR CB   C N N 356 
TYR CG   C Y N 357 
TYR CD1  C Y N 358 
TYR CD2  C Y N 359 
TYR CE1  C Y N 360 
TYR CE2  C Y N 361 
TYR CZ   C Y N 362 
TYR OH   O N N 363 
TYR OXT  O N N 364 
TYR H    H N N 365 
TYR H2   H N N 366 
TYR HA   H N N 367 
TYR HB2  H N N 368 
TYR HB3  H N N 369 
TYR HD1  H N N 370 
TYR HD2  H N N 371 
TYR HE1  H N N 372 
TYR HE2  H N N 373 
TYR HH   H N N 374 
TYR HXT  H N N 375 
VAL N    N N N 376 
VAL CA   C N S 377 
VAL C    C N N 378 
VAL O    O N N 379 
VAL CB   C N N 380 
VAL CG1  C N N 381 
VAL CG2  C N N 382 
VAL OXT  O N N 383 
VAL H    H N N 384 
VAL H2   H N N 385 
VAL HA   H N N 386 
VAL HB   H N N 387 
VAL HG11 H N N 388 
VAL HG12 H N N 389 
VAL HG13 H N N 390 
VAL HG21 H N N 391 
VAL HG22 H N N 392 
VAL HG23 H N N 393 
VAL HXT  H N N 394 
# 
loop_
_chem_comp_bond.comp_id 
_chem_comp_bond.atom_id_1 
_chem_comp_bond.atom_id_2 
_chem_comp_bond.value_order 
_chem_comp_bond.pdbx_aromatic_flag 
_chem_comp_bond.pdbx_stereo_config 
_chem_comp_bond.pdbx_ordinal 
ALA N   CA   sing N N 1   
ALA N   H    sing N N 2   
ALA N   H2   sing N N 3   
ALA CA  C    sing N N 4   
ALA CA  CB   sing N N 5   
ALA CA  HA   sing N N 6   
ALA C   O    doub N N 7   
ALA C   OXT  sing N N 8   
ALA CB  HB1  sing N N 9   
ALA CB  HB2  sing N N 10  
ALA CB  HB3  sing N N 11  
ALA OXT HXT  sing N N 12  
ARG N   CA   sing N N 13  
ARG N   H    sing N N 14  
ARG N   H2   sing N N 15  
ARG CA  C    sing N N 16  
ARG CA  CB   sing N N 17  
ARG CA  HA   sing N N 18  
ARG C   O    doub N N 19  
ARG C   OXT  sing N N 20  
ARG CB  CG   sing N N 21  
ARG CB  HB2  sing N N 22  
ARG CB  HB3  sing N N 23  
ARG CG  CD   sing N N 24  
ARG CG  HG2  sing N N 25  
ARG CG  HG3  sing N N 26  
ARG CD  NE   sing N N 27  
ARG CD  HD2  sing N N 28  
ARG CD  HD3  sing N N 29  
ARG NE  CZ   sing N N 30  
ARG NE  HE   sing N N 31  
ARG CZ  NH1  sing N N 32  
ARG CZ  NH2  doub N N 33  
ARG NH1 HH11 sing N N 34  
ARG NH1 HH12 sing N N 35  
ARG NH2 HH21 sing N N 36  
ARG NH2 HH22 sing N N 37  
ARG OXT HXT  sing N N 38  
ASN N   CA   sing N N 39  
ASN N   H    sing N N 40  
ASN N   H2   sing N N 41  
ASN CA  C    sing N N 42  
ASN CA  CB   sing N N 43  
ASN CA  HA   sing N N 44  
ASN C   O    doub N N 45  
ASN C   OXT  sing N N 46  
ASN CB  CG   sing N N 47  
ASN CB  HB2  sing N N 48  
ASN CB  HB3  sing N N 49  
ASN CG  OD1  doub N N 50  
ASN CG  ND2  sing N N 51  
ASN ND2 HD21 sing N N 52  
ASN ND2 HD22 sing N N 53  
ASN OXT HXT  sing N N 54  
ASP N   CA   sing N N 55  
ASP N   H    sing N N 56  
ASP N   H2   sing N N 57  
ASP CA  C    sing N N 58  
ASP CA  CB   sing N N 59  
ASP CA  HA   sing N N 60  
ASP C   O    doub N N 61  
ASP C   OXT  sing N N 62  
ASP CB  CG   sing N N 63  
ASP CB  HB2  sing N N 64  
ASP CB  HB3  sing N N 65  
ASP CG  OD1  doub N N 66  
ASP CG  OD2  sing N N 67  
ASP OD2 HD2  sing N N 68  
ASP OXT HXT  sing N N 69  
CYS N   CA   sing N N 70  
CYS N   H    sing N N 71  
CYS N   H2   sing N N 72  
CYS CA  C    sing N N 73  
CYS CA  CB   sing N N 74  
CYS CA  HA   sing N N 75  
CYS C   O    doub N N 76  
CYS C   OXT  sing N N 77  
CYS CB  SG   sing N N 78  
CYS CB  HB2  sing N N 79  
CYS CB  HB3  sing N N 80  
CYS SG  HG   sing N N 81  
CYS OXT HXT  sing N N 82  
GLN N   CA   sing N N 83  
GLN N   H    sing N N 84  
GLN N   H2   sing N N 85  
GLN CA  C    sing N N 86  
GLN CA  CB   sing N N 87  
GLN CA  HA   sing N N 88  
GLN C   O    doub N N 89  
GLN C   OXT  sing N N 90  
GLN CB  CG   sing N N 91  
GLN CB  HB2  sing N N 92  
GLN CB  HB3  sing N N 93  
GLN CG  CD   sing N N 94  
GLN CG  HG2  sing N N 95  
GLN CG  HG3  sing N N 96  
GLN CD  OE1  doub N N 97  
GLN CD  NE2  sing N N 98  
GLN NE2 HE21 sing N N 99  
GLN NE2 HE22 sing N N 100 
GLN OXT HXT  sing N N 101 
GLU N   CA   sing N N 102 
GLU N   H    sing N N 103 
GLU N   H2   sing N N 104 
GLU CA  C    sing N N 105 
GLU CA  CB   sing N N 106 
GLU CA  HA   sing N N 107 
GLU C   O    doub N N 108 
GLU C   OXT  sing N N 109 
GLU CB  CG   sing N N 110 
GLU CB  HB2  sing N N 111 
GLU CB  HB3  sing N N 112 
GLU CG  CD   sing N N 113 
GLU CG  HG2  sing N N 114 
GLU CG  HG3  sing N N 115 
GLU CD  OE1  doub N N 116 
GLU CD  OE2  sing N N 117 
GLU OE2 HE2  sing N N 118 
GLU OXT HXT  sing N N 119 
GLY N   CA   sing N N 120 
GLY N   H    sing N N 121 
GLY N   H2   sing N N 122 
GLY CA  C    sing N N 123 
GLY CA  HA2  sing N N 124 
GLY CA  HA3  sing N N 125 
GLY C   O    doub N N 126 
GLY C   OXT  sing N N 127 
GLY OXT HXT  sing N N 128 
HOH O   H1   sing N N 129 
HOH O   H2   sing N N 130 
ILE N   CA   sing N N 131 
ILE N   H    sing N N 132 
ILE N   H2   sing N N 133 
ILE CA  C    sing N N 134 
ILE CA  CB   sing N N 135 
ILE CA  HA   sing N N 136 
ILE C   O    doub N N 137 
ILE C   OXT  sing N N 138 
ILE CB  CG1  sing N N 139 
ILE CB  CG2  sing N N 140 
ILE CB  HB   sing N N 141 
ILE CG1 CD1  sing N N 142 
ILE CG1 HG12 sing N N 143 
ILE CG1 HG13 sing N N 144 
ILE CG2 HG21 sing N N 145 
ILE CG2 HG22 sing N N 146 
ILE CG2 HG23 sing N N 147 
ILE CD1 HD11 sing N N 148 
ILE CD1 HD12 sing N N 149 
ILE CD1 HD13 sing N N 150 
ILE OXT HXT  sing N N 151 
LEU N   CA   sing N N 152 
LEU N   H    sing N N 153 
LEU N   H2   sing N N 154 
LEU CA  C    sing N N 155 
LEU CA  CB   sing N N 156 
LEU CA  HA   sing N N 157 
LEU C   O    doub N N 158 
LEU C   OXT  sing N N 159 
LEU CB  CG   sing N N 160 
LEU CB  HB2  sing N N 161 
LEU CB  HB3  sing N N 162 
LEU CG  CD1  sing N N 163 
LEU CG  CD2  sing N N 164 
LEU CG  HG   sing N N 165 
LEU CD1 HD11 sing N N 166 
LEU CD1 HD12 sing N N 167 
LEU CD1 HD13 sing N N 168 
LEU CD2 HD21 sing N N 169 
LEU CD2 HD22 sing N N 170 
LEU CD2 HD23 sing N N 171 
LEU OXT HXT  sing N N 172 
LYS N   CA   sing N N 173 
LYS N   H    sing N N 174 
LYS N   H2   sing N N 175 
LYS CA  C    sing N N 176 
LYS CA  CB   sing N N 177 
LYS CA  HA   sing N N 178 
LYS C   O    doub N N 179 
LYS C   OXT  sing N N 180 
LYS CB  CG   sing N N 181 
LYS CB  HB2  sing N N 182 
LYS CB  HB3  sing N N 183 
LYS CG  CD   sing N N 184 
LYS CG  HG2  sing N N 185 
LYS CG  HG3  sing N N 186 
LYS CD  CE   sing N N 187 
LYS CD  HD2  sing N N 188 
LYS CD  HD3  sing N N 189 
LYS CE  NZ   sing N N 190 
LYS CE  HE2  sing N N 191 
LYS CE  HE3  sing N N 192 
LYS NZ  HZ1  sing N N 193 
LYS NZ  HZ2  sing N N 194 
LYS NZ  HZ3  sing N N 195 
LYS OXT HXT  sing N N 196 
MES O1  C2   sing N N 197 
MES O1  C6   sing N N 198 
MES C2  C3   sing N N 199 
MES C2  H21  sing N N 200 
MES C2  H22  sing N N 201 
MES C3  N4   sing N N 202 
MES C3  H31  sing N N 203 
MES C3  H32  sing N N 204 
MES N4  C5   sing N N 205 
MES N4  C7   sing N N 206 
MES N4  HN4  sing N N 207 
MES C5  C6   sing N N 208 
MES C5  H51  sing N N 209 
MES C5  H52  sing N N 210 
MES C6  H61  sing N N 211 
MES C6  H62  sing N N 212 
MES C7  C8   sing N N 213 
MES C7  H71  sing N N 214 
MES C7  H72  sing N N 215 
MES C8  S    sing N N 216 
MES C8  H81  sing N N 217 
MES C8  H82  sing N N 218 
MES S   O1S  doub N N 219 
MES S   O2S  doub N N 220 
MES S   O3S  sing N N 221 
MET N   CA   sing N N 222 
MET N   H    sing N N 223 
MET N   H2   sing N N 224 
MET CA  C    sing N N 225 
MET CA  CB   sing N N 226 
MET CA  HA   sing N N 227 
MET C   O    doub N N 228 
MET C   OXT  sing N N 229 
MET CB  CG   sing N N 230 
MET CB  HB2  sing N N 231 
MET CB  HB3  sing N N 232 
MET CG  SD   sing N N 233 
MET CG  HG2  sing N N 234 
MET CG  HG3  sing N N 235 
MET SD  CE   sing N N 236 
MET CE  HE1  sing N N 237 
MET CE  HE2  sing N N 238 
MET CE  HE3  sing N N 239 
MET OXT HXT  sing N N 240 
PHE N   CA   sing N N 241 
PHE N   H    sing N N 242 
PHE N   H2   sing N N 243 
PHE CA  C    sing N N 244 
PHE CA  CB   sing N N 245 
PHE CA  HA   sing N N 246 
PHE C   O    doub N N 247 
PHE C   OXT  sing N N 248 
PHE CB  CG   sing N N 249 
PHE CB  HB2  sing N N 250 
PHE CB  HB3  sing N N 251 
PHE CG  CD1  doub Y N 252 
PHE CG  CD2  sing Y N 253 
PHE CD1 CE1  sing Y N 254 
PHE CD1 HD1  sing N N 255 
PHE CD2 CE2  doub Y N 256 
PHE CD2 HD2  sing N N 257 
PHE CE1 CZ   doub Y N 258 
PHE CE1 HE1  sing N N 259 
PHE CE2 CZ   sing Y N 260 
PHE CE2 HE2  sing N N 261 
PHE CZ  HZ   sing N N 262 
PHE OXT HXT  sing N N 263 
PRO N   CA   sing N N 264 
PRO N   CD   sing N N 265 
PRO N   H    sing N N 266 
PRO CA  C    sing N N 267 
PRO CA  CB   sing N N 268 
PRO CA  HA   sing N N 269 
PRO C   O    doub N N 270 
PRO C   OXT  sing N N 271 
PRO CB  CG   sing N N 272 
PRO CB  HB2  sing N N 273 
PRO CB  HB3  sing N N 274 
PRO CG  CD   sing N N 275 
PRO CG  HG2  sing N N 276 
PRO CG  HG3  sing N N 277 
PRO CD  HD2  sing N N 278 
PRO CD  HD3  sing N N 279 
PRO OXT HXT  sing N N 280 
SER N   CA   sing N N 281 
SER N   H    sing N N 282 
SER N   H2   sing N N 283 
SER CA  C    sing N N 284 
SER CA  CB   sing N N 285 
SER CA  HA   sing N N 286 
SER C   O    doub N N 287 
SER C   OXT  sing N N 288 
SER CB  OG   sing N N 289 
SER CB  HB2  sing N N 290 
SER CB  HB3  sing N N 291 
SER OG  HG   sing N N 292 
SER OXT HXT  sing N N 293 
THR N   CA   sing N N 294 
THR N   H    sing N N 295 
THR N   H2   sing N N 296 
THR CA  C    sing N N 297 
THR CA  CB   sing N N 298 
THR CA  HA   sing N N 299 
THR C   O    doub N N 300 
THR C   OXT  sing N N 301 
THR CB  OG1  sing N N 302 
THR CB  CG2  sing N N 303 
THR CB  HB   sing N N 304 
THR OG1 HG1  sing N N 305 
THR CG2 HG21 sing N N 306 
THR CG2 HG22 sing N N 307 
THR CG2 HG23 sing N N 308 
THR OXT HXT  sing N N 309 
TRP N   CA   sing N N 310 
TRP N   H    sing N N 311 
TRP N   H2   sing N N 312 
TRP CA  C    sing N N 313 
TRP CA  CB   sing N N 314 
TRP CA  HA   sing N N 315 
TRP C   O    doub N N 316 
TRP C   OXT  sing N N 317 
TRP CB  CG   sing N N 318 
TRP CB  HB2  sing N N 319 
TRP CB  HB3  sing N N 320 
TRP CG  CD1  doub Y N 321 
TRP CG  CD2  sing Y N 322 
TRP CD1 NE1  sing Y N 323 
TRP CD1 HD1  sing N N 324 
TRP CD2 CE2  doub Y N 325 
TRP CD2 CE3  sing Y N 326 
TRP NE1 CE2  sing Y N 327 
TRP NE1 HE1  sing N N 328 
TRP CE2 CZ2  sing Y N 329 
TRP CE3 CZ3  doub Y N 330 
TRP CE3 HE3  sing N N 331 
TRP CZ2 CH2  doub Y N 332 
TRP CZ2 HZ2  sing N N 333 
TRP CZ3 CH2  sing Y N 334 
TRP CZ3 HZ3  sing N N 335 
TRP CH2 HH2  sing N N 336 
TRP OXT HXT  sing N N 337 
TYR N   CA   sing N N 338 
TYR N   H    sing N N 339 
TYR N   H2   sing N N 340 
TYR CA  C    sing N N 341 
TYR CA  CB   sing N N 342 
TYR CA  HA   sing N N 343 
TYR C   O    doub N N 344 
TYR C   OXT  sing N N 345 
TYR CB  CG   sing N N 346 
TYR CB  HB2  sing N N 347 
TYR CB  HB3  sing N N 348 
TYR CG  CD1  doub Y N 349 
TYR CG  CD2  sing Y N 350 
TYR CD1 CE1  sing Y N 351 
TYR CD1 HD1  sing N N 352 
TYR CD2 CE2  doub Y N 353 
TYR CD2 HD2  sing N N 354 
TYR CE1 CZ   doub Y N 355 
TYR CE1 HE1  sing N N 356 
TYR CE2 CZ   sing Y N 357 
TYR CE2 HE2  sing N N 358 
TYR CZ  OH   sing N N 359 
TYR OH  HH   sing N N 360 
TYR OXT HXT  sing N N 361 
VAL N   CA   sing N N 362 
VAL N   H    sing N N 363 
VAL N   H2   sing N N 364 
VAL CA  C    sing N N 365 
VAL CA  CB   sing N N 366 
VAL CA  HA   sing N N 367 
VAL C   O    doub N N 368 
VAL C   OXT  sing N N 369 
VAL CB  CG1  sing N N 370 
VAL CB  CG2  sing N N 371 
VAL CB  HB   sing N N 372 
VAL CG1 HG11 sing N N 373 
VAL CG1 HG12 sing N N 374 
VAL CG1 HG13 sing N N 375 
VAL CG2 HG21 sing N N 376 
VAL CG2 HG22 sing N N 377 
VAL CG2 HG23 sing N N 378 
VAL OXT HXT  sing N N 379 
# 
loop_
_pdbx_entity_nonpoly.entity_id 
_pdbx_entity_nonpoly.name 
_pdbx_entity_nonpoly.comp_id 
2 'UNKNOWN ATOM OR ION'                  UNX 
3 '2-(N-MORPHOLINO)-ETHANESULFONIC ACID' MES 
4 water                                  HOH 
# 
_pdbx_initial_refinement_model.id               1 
_pdbx_initial_refinement_model.entity_id_list   ? 
_pdbx_initial_refinement_model.type             'experimental model' 
_pdbx_initial_refinement_model.source_name      PDB 
_pdbx_initial_refinement_model.accession_code   1UJR 
_pdbx_initial_refinement_model.details          'FFAS model based on PDB entry 1ujr' 
# 
_pdbx_struct_assembly_auth_evidence.id                     1 
_pdbx_struct_assembly_auth_evidence.assembly_id            1 
_pdbx_struct_assembly_auth_evidence.experimental_support   none 
_pdbx_struct_assembly_auth_evidence.details                ? 
# 
